data_8CVQ
#
_entry.id   8CVQ
#
_cell.length_a   49.795
_cell.length_b   105.012
_cell.length_c   192.897
_cell.angle_alpha   90.000
_cell.angle_beta   90.000
_cell.angle_gamma   90.000
#
_symmetry.space_group_name_H-M   'P 21 21 21'
#
loop_
_entity.id
_entity.type
_entity.pdbx_description
1 polymer 'Tyrosyl-DNA phosphodiesterase 1'
2 non-polymer '4-{[(4S)-2,7-diphenylimidazo[1,2-a]pyridin-3-yl]amino}benzene-1,2-dicarboxylic acid'
3 non-polymer '3[N-MORPHOLINO]PROPANE SULFONIC ACID'
4 non-polymer 1,2-ETHANEDIOL
5 water water
#
_entity_poly.entity_id   1
_entity_poly.type   'polypeptide(L)'
_entity_poly.pdbx_seq_one_letter_code
;SGEGQDIWDMLDKGNPFQFYLTRVSGVKPKYNSGALHIKDILSPLFGTLVSSAQFNYCFDVDWLVKQYPPEFRKKPILLV
HGDKREAKAHLHAQAKPYENISLCQAKLDIAFGTHHTKMMLLLYEEGLRVVIHTSNLIHADWHQKTQGIWLSPLYPRIAD
GTHKSGESPTHFKADLISYLMAYNAPSLKEWIDVIHKHDLSETNVYLIGSTPGRFQGSQKDNWGHFRLKKLLKDHASSMP
NAESWPVVGQFSSVGSLGADESKWLCSEFKESMLTLGKESKTPGKSSVPLYLIYPSVENVRTSLEGYPAGGSLPYSIQTA
EKQNWLHSYFHKWSAETSGRSNAMPHIKTYMRPSPDFSKIAWFLVTSANLSKAAWGALEKNGTQLMIRSYELGVLFLPSA
FGLDSFKVKQKFFAGSQEPMATFPVPYDLPPELYGSKDRPWIWNIPYVKAPDTHGNMWVPS
;
_entity_poly.pdbx_strand_id   A,B
#
loop_
_chem_comp.id
_chem_comp.type
_chem_comp.name
_chem_comp.formula
EDO non-polymer 1,2-ETHANEDIOL 'C2 H6 O2'
MPO non-polymer '3[N-MORPHOLINO]PROPANE SULFONIC ACID' 'C7 H15 N O4 S'
OYH non-polymer '4-{[(4S)-2,7-diphenylimidazo[1,2-a]pyridin-3-yl]amino}benzene-1,2-dicarboxylic acid' 'C27 H19 N3 O4'
#
# COMPACT_ATOMS: atom_id res chain seq x y z
N ASN A 15 -21.26 -10.15 -4.45
CA ASN A 15 -19.90 -10.67 -4.26
C ASN A 15 -18.90 -9.55 -4.23
N PRO A 16 -18.21 -9.39 -3.10
CA PRO A 16 -16.98 -8.60 -3.12
C PRO A 16 -15.85 -9.33 -3.82
N PHE A 17 -15.92 -10.66 -3.94
CA PHE A 17 -14.73 -11.39 -4.35
C PHE A 17 -14.61 -11.52 -5.85
N GLN A 18 -15.73 -11.62 -6.58
CA GLN A 18 -15.68 -11.72 -8.05
C GLN A 18 -14.80 -12.88 -8.49
N PHE A 19 -14.92 -13.99 -7.76
CA PHE A 19 -14.25 -15.25 -8.10
C PHE A 19 -15.27 -16.20 -8.70
N TYR A 20 -14.99 -16.67 -9.90
CA TYR A 20 -15.94 -17.50 -10.65
C TYR A 20 -15.28 -18.78 -11.10
N LEU A 21 -16.09 -19.80 -11.35
CA LEU A 21 -15.64 -20.98 -12.09
C LEU A 21 -16.14 -20.90 -13.52
N THR A 22 -15.45 -21.62 -14.41
CA THR A 22 -15.95 -21.74 -15.77
C THR A 22 -17.16 -22.67 -15.83
N ARG A 23 -17.98 -22.48 -16.86
CA ARG A 23 -19.11 -23.36 -17.11
C ARG A 23 -18.62 -24.79 -17.40
N VAL A 24 -19.35 -25.78 -16.88
CA VAL A 24 -19.05 -27.19 -17.14
C VAL A 24 -20.22 -27.81 -17.90
N SER A 25 -19.94 -28.29 -19.11
N SER A 25 -19.94 -28.28 -19.11
CA SER A 25 -20.98 -28.91 -19.91
CA SER A 25 -20.98 -28.92 -19.92
C SER A 25 -21.34 -30.27 -19.36
C SER A 25 -21.34 -30.26 -19.34
N GLY A 26 -22.62 -30.47 -19.08
CA GLY A 26 -23.13 -31.75 -18.63
C GLY A 26 -23.62 -31.77 -17.21
N VAL A 27 -23.20 -30.83 -16.37
CA VAL A 27 -23.72 -30.79 -15.01
C VAL A 27 -25.07 -30.07 -14.98
N LYS A 28 -25.81 -30.30 -13.91
CA LYS A 28 -27.14 -29.72 -13.80
C LYS A 28 -27.05 -28.19 -13.81
N PRO A 29 -28.05 -27.52 -14.37
CA PRO A 29 -27.96 -26.06 -14.52
C PRO A 29 -27.69 -25.32 -13.21
N LYS A 30 -28.15 -25.86 -12.08
CA LYS A 30 -27.89 -25.18 -10.80
C LYS A 30 -26.39 -25.04 -10.54
N TYR A 31 -25.57 -25.93 -11.10
CA TYR A 31 -24.13 -25.85 -10.89
C TYR A 31 -23.42 -24.98 -11.91
N ASN A 32 -24.15 -24.37 -12.85
CA ASN A 32 -23.59 -23.40 -13.77
C ASN A 32 -24.18 -22.02 -13.55
N SER A 33 -25.14 -21.88 -12.63
N SER A 33 -25.14 -21.88 -12.63
CA SER A 33 -25.69 -20.58 -12.27
CA SER A 33 -25.69 -20.57 -12.28
C SER A 33 -24.61 -19.74 -11.60
C SER A 33 -24.61 -19.74 -11.60
N GLY A 34 -24.16 -18.69 -12.28
CA GLY A 34 -23.06 -17.91 -11.77
C GLY A 34 -21.70 -18.42 -12.17
N ALA A 35 -21.62 -19.45 -13.00
CA ALA A 35 -20.39 -19.77 -13.69
C ALA A 35 -20.31 -18.94 -14.97
N LEU A 36 -19.10 -18.82 -15.52
CA LEU A 36 -18.88 -18.00 -16.71
C LEU A 36 -18.18 -18.80 -17.80
N HIS A 37 -18.71 -18.70 -19.02
CA HIS A 37 -18.00 -19.17 -20.18
C HIS A 37 -17.24 -18.01 -20.80
N ILE A 38 -16.23 -18.32 -21.63
CA ILE A 38 -15.47 -17.25 -22.27
C ILE A 38 -16.38 -16.34 -23.08
N LYS A 39 -17.44 -16.90 -23.68
CA LYS A 39 -18.37 -16.06 -24.44
C LYS A 39 -19.09 -15.06 -23.55
N ASP A 40 -19.35 -15.41 -22.28
CA ASP A 40 -19.92 -14.45 -21.35
C ASP A 40 -18.94 -13.34 -21.02
N ILE A 41 -17.67 -13.69 -20.80
CA ILE A 41 -16.65 -12.70 -20.44
C ILE A 41 -16.49 -11.67 -21.54
N LEU A 42 -16.52 -12.10 -22.80
CA LEU A 42 -16.29 -11.21 -23.94
C LEU A 42 -17.55 -10.56 -24.47
N SER A 43 -18.70 -10.84 -23.86
N SER A 43 -18.72 -10.86 -23.90
CA SER A 43 -19.98 -10.35 -24.36
CA SER A 43 -19.97 -10.37 -24.44
C SER A 43 -20.04 -8.83 -24.32
C SER A 43 -20.05 -8.84 -24.33
N PRO A 44 -20.86 -8.22 -25.19
N PRO A 44 -20.85 -8.20 -25.19
CA PRO A 44 -21.05 -6.75 -25.11
CA PRO A 44 -21.00 -6.74 -25.09
C PRO A 44 -21.59 -6.29 -23.78
C PRO A 44 -21.60 -6.27 -23.77
N LEU A 45 -22.26 -7.16 -23.01
CA LEU A 45 -22.76 -6.78 -21.70
C LEU A 45 -21.63 -6.41 -20.75
N PHE A 46 -20.44 -6.96 -20.97
CA PHE A 46 -19.29 -6.66 -20.11
C PHE A 46 -18.57 -5.38 -20.53
N GLY A 47 -18.83 -4.89 -21.73
CA GLY A 47 -18.21 -3.66 -22.21
C GLY A 47 -18.10 -3.68 -23.72
N THR A 48 -17.97 -2.48 -24.29
CA THR A 48 -17.86 -2.31 -25.74
C THR A 48 -16.39 -2.37 -26.11
N LEU A 49 -15.98 -3.53 -26.64
CA LEU A 49 -14.57 -3.81 -26.83
C LEU A 49 -13.94 -2.92 -27.90
N VAL A 50 -12.82 -2.31 -27.55
N VAL A 50 -12.76 -2.38 -27.62
CA VAL A 50 -11.97 -1.58 -28.47
CA VAL A 50 -11.98 -1.71 -28.64
C VAL A 50 -10.77 -2.42 -28.91
C VAL A 50 -10.63 -2.37 -28.89
N SER A 51 -10.14 -3.12 -27.96
N SER A 51 -10.09 -3.14 -27.94
CA SER A 51 -9.00 -3.97 -28.22
CA SER A 51 -8.82 -3.82 -28.09
C SER A 51 -8.79 -4.86 -27.00
C SER A 51 -8.69 -4.80 -26.94
N SER A 52 -7.97 -5.89 -27.17
CA SER A 52 -7.75 -6.85 -26.09
C SER A 52 -6.37 -7.48 -26.20
N ALA A 53 -5.85 -7.92 -25.04
CA ALA A 53 -4.63 -8.71 -24.98
C ALA A 53 -4.95 -10.03 -24.32
N GLN A 54 -4.50 -11.12 -24.93
CA GLN A 54 -4.73 -12.46 -24.39
C GLN A 54 -3.37 -13.05 -24.03
N PHE A 55 -3.04 -13.06 -22.74
CA PHE A 55 -1.86 -13.75 -22.23
C PHE A 55 -2.23 -15.21 -22.02
N ASN A 56 -1.41 -16.14 -22.51
CA ASN A 56 -1.73 -17.54 -22.25
C ASN A 56 -0.55 -18.42 -22.59
N TYR A 57 -0.77 -19.72 -22.43
CA TYR A 57 0.20 -20.75 -22.79
C TYR A 57 -0.09 -21.33 -24.18
N CYS A 58 -1.28 -21.85 -24.41
N CYS A 58 -1.33 -21.82 -24.39
CA CYS A 58 -1.57 -22.34 -25.73
CA CYS A 58 -1.76 -22.52 -25.59
C CYS A 58 -2.92 -21.83 -26.21
C CYS A 58 -2.98 -21.83 -26.19
N PHE A 59 -3.04 -21.77 -27.53
CA PHE A 59 -4.09 -21.04 -28.23
C PHE A 59 -4.62 -21.87 -29.39
N ASP A 60 -5.93 -21.86 -29.56
CA ASP A 60 -6.58 -22.27 -30.81
C ASP A 60 -7.16 -20.97 -31.36
N VAL A 61 -6.46 -20.38 -32.33
CA VAL A 61 -6.81 -19.03 -32.74
C VAL A 61 -8.17 -19.02 -33.44
N ASP A 62 -8.45 -20.01 -34.29
CA ASP A 62 -9.75 -20.09 -34.95
C ASP A 62 -10.86 -20.12 -33.90
N TRP A 63 -10.69 -20.97 -32.89
CA TRP A 63 -11.68 -21.07 -31.81
C TRP A 63 -11.77 -19.76 -31.04
N LEU A 64 -10.62 -19.20 -30.68
CA LEU A 64 -10.59 -17.97 -29.87
C LEU A 64 -11.38 -16.85 -30.53
N VAL A 65 -11.15 -16.61 -31.82
CA VAL A 65 -11.83 -15.50 -32.49
C VAL A 65 -13.34 -15.73 -32.48
N LYS A 66 -13.77 -16.99 -32.62
CA LYS A 66 -15.19 -17.30 -32.56
C LYS A 66 -15.80 -17.05 -31.18
N GLN A 67 -14.98 -16.93 -30.12
CA GLN A 67 -15.54 -16.64 -28.80
C GLN A 67 -15.86 -15.16 -28.62
N TYR A 68 -15.29 -14.30 -29.45
CA TYR A 68 -15.64 -12.88 -29.38
C TYR A 68 -16.98 -12.65 -30.06
N PRO A 69 -17.76 -11.68 -29.60
CA PRO A 69 -19.01 -11.33 -30.31
C PRO A 69 -18.71 -10.98 -31.76
N PRO A 70 -19.59 -11.36 -32.68
CA PRO A 70 -19.34 -11.07 -34.11
C PRO A 70 -18.95 -9.62 -34.34
N GLU A 71 -19.63 -8.69 -33.69
CA GLU A 71 -19.37 -7.27 -33.91
C GLU A 71 -17.99 -6.84 -33.42
N PHE A 72 -17.33 -7.67 -32.58
CA PHE A 72 -16.03 -7.33 -32.03
C PHE A 72 -14.89 -8.15 -32.63
N ARG A 73 -15.17 -9.02 -33.61
CA ARG A 73 -14.15 -9.98 -34.04
C ARG A 73 -13.02 -9.35 -34.84
N LYS A 74 -13.14 -8.11 -35.30
CA LYS A 74 -12.05 -7.47 -36.03
C LYS A 74 -11.32 -6.43 -35.19
N LYS A 75 -11.69 -6.27 -33.93
CA LYS A 75 -10.92 -5.39 -33.05
C LYS A 75 -9.54 -5.99 -32.81
N PRO A 76 -8.52 -5.15 -32.60
CA PRO A 76 -7.16 -5.67 -32.40
C PRO A 76 -7.09 -6.65 -31.23
N ILE A 77 -6.37 -7.76 -31.43
CA ILE A 77 -6.07 -8.74 -30.40
C ILE A 77 -4.56 -8.94 -30.36
N LEU A 78 -3.97 -8.89 -29.16
CA LEU A 78 -2.56 -9.22 -28.96
C LEU A 78 -2.50 -10.57 -28.25
N LEU A 79 -1.78 -11.52 -28.84
CA LEU A 79 -1.52 -12.81 -28.20
C LEU A 79 -0.13 -12.77 -27.56
N VAL A 80 -0.08 -12.95 -26.24
CA VAL A 80 1.17 -12.99 -25.50
C VAL A 80 1.44 -14.43 -25.14
N HIS A 81 2.54 -14.96 -25.65
CA HIS A 81 2.84 -16.39 -25.58
C HIS A 81 4.33 -16.55 -25.31
N GLY A 82 4.77 -17.80 -25.12
CA GLY A 82 6.18 -18.05 -24.91
C GLY A 82 6.83 -18.99 -25.91
N ASP A 83 6.15 -19.27 -27.02
CA ASP A 83 6.63 -20.28 -27.95
C ASP A 83 7.86 -19.80 -28.73
N LYS A 84 8.71 -20.78 -29.08
CA LYS A 84 9.94 -20.56 -29.84
C LYS A 84 9.99 -21.48 -31.05
N ARG A 85 10.86 -21.13 -32.00
CA ARG A 85 11.25 -22.02 -33.10
C ARG A 85 9.99 -22.52 -33.84
N GLU A 86 9.85 -23.83 -34.07
CA GLU A 86 8.72 -24.34 -34.86
C GLU A 86 7.38 -24.06 -34.19
N ALA A 87 7.32 -24.18 -32.85
CA ALA A 87 6.09 -23.87 -32.13
C ALA A 87 5.66 -22.42 -32.38
N LYS A 88 6.63 -21.49 -32.31
CA LYS A 88 6.34 -20.10 -32.62
C LYS A 88 5.80 -19.96 -34.04
N ALA A 89 6.44 -20.64 -34.99
CA ALA A 89 6.01 -20.58 -36.39
C ALA A 89 4.58 -21.07 -36.54
N HIS A 90 4.23 -22.15 -35.84
CA HIS A 90 2.87 -22.67 -35.90
C HIS A 90 1.86 -21.66 -35.37
N LEU A 91 2.20 -20.97 -34.27
CA LEU A 91 1.26 -19.99 -33.72
C LEU A 91 1.08 -18.83 -34.70
N HIS A 92 2.17 -18.35 -35.27
CA HIS A 92 2.06 -17.29 -36.27
C HIS A 92 1.19 -17.73 -37.45
N ALA A 93 1.30 -19.00 -37.85
CA ALA A 93 0.51 -19.46 -38.99
C ALA A 93 -0.98 -19.52 -38.63
N GLN A 94 -1.29 -19.88 -37.38
CA GLN A 94 -2.66 -19.82 -36.88
C GLN A 94 -3.24 -18.42 -36.98
N ALA A 95 -2.43 -17.41 -36.67
CA ALA A 95 -2.91 -16.03 -36.57
C ALA A 95 -2.92 -15.30 -37.91
N LYS A 96 -2.11 -15.73 -38.88
CA LYS A 96 -1.95 -14.93 -40.09
C LYS A 96 -3.23 -14.67 -40.89
N PRO A 97 -4.24 -15.55 -40.91
CA PRO A 97 -5.49 -15.17 -41.59
C PRO A 97 -6.20 -13.97 -40.96
N TYR A 98 -5.84 -13.58 -39.74
CA TYR A 98 -6.53 -12.52 -39.00
C TYR A 98 -5.59 -11.33 -38.91
N GLU A 99 -5.79 -10.34 -39.77
CA GLU A 99 -4.86 -9.22 -39.82
C GLU A 99 -4.97 -8.32 -38.60
N ASN A 100 -6.02 -8.47 -37.79
CA ASN A 100 -6.14 -7.73 -36.54
C ASN A 100 -5.39 -8.38 -35.38
N ILE A 101 -4.75 -9.54 -35.58
CA ILE A 101 -4.05 -10.22 -34.50
C ILE A 101 -2.55 -9.95 -34.59
N SER A 102 -1.99 -9.46 -33.50
N SER A 102 -1.98 -9.46 -33.49
CA SER A 102 -0.55 -9.31 -33.31
CA SER A 102 -0.54 -9.34 -33.36
C SER A 102 -0.07 -10.27 -32.24
C SER A 102 -0.07 -10.27 -32.25
N LEU A 103 1.22 -10.56 -32.25
CA LEU A 103 1.82 -11.52 -31.32
C LEU A 103 2.97 -10.87 -30.56
N CYS A 104 3.11 -11.27 -29.29
CA CYS A 104 4.24 -10.87 -28.46
C CYS A 104 4.86 -12.14 -27.88
N GLN A 105 6.13 -12.42 -28.23
CA GLN A 105 6.85 -13.57 -27.71
C GLN A 105 7.54 -13.15 -26.42
N ALA A 106 7.04 -13.65 -25.29
CA ALA A 106 7.67 -13.38 -24.00
C ALA A 106 9.03 -14.05 -23.94
N LYS A 107 10.07 -13.29 -23.58
CA LYS A 107 11.40 -13.86 -23.51
C LYS A 107 11.50 -14.87 -22.37
N LEU A 108 12.16 -16.00 -22.66
CA LEU A 108 12.34 -17.10 -21.70
C LEU A 108 13.81 -17.46 -21.76
N ASP A 109 14.64 -16.62 -21.14
CA ASP A 109 16.07 -16.74 -21.27
C ASP A 109 16.70 -17.65 -20.23
N ILE A 110 15.89 -18.24 -19.34
CA ILE A 110 16.36 -19.29 -18.45
C ILE A 110 15.78 -20.61 -18.95
N ALA A 111 16.63 -21.64 -19.00
CA ALA A 111 16.23 -22.93 -19.56
C ALA A 111 15.02 -23.50 -18.83
N PHE A 112 14.17 -24.20 -19.60
CA PHE A 112 13.05 -24.99 -19.07
C PHE A 112 11.98 -24.12 -18.42
N GLY A 113 11.83 -22.88 -18.89
CA GLY A 113 10.77 -22.01 -18.45
C GLY A 113 9.60 -22.01 -19.41
N THR A 114 8.45 -21.57 -18.91
CA THR A 114 7.19 -21.57 -19.63
C THR A 114 6.46 -20.25 -19.42
N HIS A 115 5.76 -19.78 -20.45
CA HIS A 115 4.85 -18.65 -20.24
C HIS A 115 3.47 -19.20 -19.88
N HIS A 116 3.23 -19.34 -18.57
CA HIS A 116 1.98 -19.94 -18.06
C HIS A 116 0.88 -18.94 -17.79
N THR A 117 1.21 -17.66 -17.59
CA THR A 117 0.23 -16.65 -17.21
C THR A 117 -0.98 -16.64 -18.11
N LYS A 118 -2.18 -16.60 -17.50
CA LYS A 118 -3.44 -16.53 -18.22
C LYS A 118 -4.17 -15.29 -17.75
N MET A 119 -4.26 -14.30 -18.65
CA MET A 119 -4.81 -13.00 -18.32
C MET A 119 -5.41 -12.39 -19.57
N MET A 120 -6.54 -11.72 -19.41
CA MET A 120 -7.11 -10.91 -20.47
C MET A 120 -7.05 -9.45 -20.04
N LEU A 121 -6.55 -8.58 -20.92
CA LEU A 121 -6.72 -7.14 -20.76
C LEU A 121 -7.76 -6.73 -21.78
N LEU A 122 -8.85 -6.12 -21.32
CA LEU A 122 -10.01 -5.83 -22.15
C LEU A 122 -10.23 -4.32 -22.10
N LEU A 123 -9.86 -3.64 -23.19
CA LEU A 123 -10.07 -2.19 -23.28
C LEU A 123 -11.41 -1.92 -23.95
N TYR A 124 -12.24 -1.13 -23.28
CA TYR A 124 -13.58 -0.81 -23.73
C TYR A 124 -13.72 0.67 -24.01
N GLU A 125 -14.81 1.02 -24.69
CA GLU A 125 -15.19 2.42 -24.79
C GLU A 125 -15.48 3.00 -23.41
N GLU A 126 -15.91 2.16 -22.48
CA GLU A 126 -16.37 2.57 -21.15
C GLU A 126 -15.29 2.51 -20.09
N GLY A 127 -14.14 1.91 -20.38
CA GLY A 127 -13.15 1.71 -19.32
C GLY A 127 -12.24 0.53 -19.67
N LEU A 128 -11.72 -0.11 -18.63
CA LEU A 128 -10.76 -1.19 -18.76
C LEU A 128 -11.13 -2.30 -17.79
N ARG A 129 -10.97 -3.56 -18.21
CA ARG A 129 -11.17 -4.71 -17.32
C ARG A 129 -9.96 -5.62 -17.40
N VAL A 130 -9.60 -6.21 -16.26
CA VAL A 130 -8.52 -7.19 -16.17
C VAL A 130 -9.15 -8.51 -15.72
N VAL A 131 -8.83 -9.60 -16.43
CA VAL A 131 -9.32 -10.94 -16.09
C VAL A 131 -8.11 -11.81 -15.88
N ILE A 132 -7.95 -12.35 -14.67
CA ILE A 132 -6.86 -13.27 -14.38
C ILE A 132 -7.50 -14.63 -14.09
N HIS A 133 -7.11 -15.65 -14.85
CA HIS A 133 -7.86 -16.90 -14.86
C HIS A 133 -6.89 -18.05 -15.08
N THR A 134 -7.42 -19.26 -15.29
CA THR A 134 -6.56 -20.44 -15.33
C THR A 134 -6.68 -21.27 -16.60
N SER A 135 -7.49 -20.86 -17.57
CA SER A 135 -7.79 -21.70 -18.74
C SER A 135 -6.94 -21.32 -19.95
N ASN A 136 -6.40 -22.34 -20.63
CA ASN A 136 -5.87 -22.14 -21.97
C ASN A 136 -6.99 -21.73 -22.92
N LEU A 137 -6.60 -21.11 -24.05
CA LEU A 137 -7.59 -20.65 -25.02
C LEU A 137 -7.84 -21.71 -26.09
N ILE A 138 -8.37 -22.84 -25.62
CA ILE A 138 -8.73 -23.98 -26.45
C ILE A 138 -10.05 -24.51 -25.92
N HIS A 139 -10.81 -25.16 -26.80
CA HIS A 139 -12.16 -25.62 -26.45
C HIS A 139 -12.14 -26.47 -25.20
N ALA A 140 -11.20 -27.41 -25.11
CA ALA A 140 -11.21 -28.38 -24.02
C ALA A 140 -11.07 -27.72 -22.64
N ASP A 141 -10.36 -26.59 -22.55
CA ASP A 141 -10.14 -26.02 -21.23
C ASP A 141 -11.39 -25.36 -20.66
N TRP A 142 -12.39 -25.06 -21.49
CA TRP A 142 -13.61 -24.40 -21.06
C TRP A 142 -14.82 -25.32 -21.11
N HIS A 143 -14.59 -26.60 -21.39
CA HIS A 143 -15.69 -27.53 -21.66
C HIS A 143 -16.09 -28.26 -20.39
N GLN A 144 -15.21 -29.10 -19.86
CA GLN A 144 -15.59 -29.95 -18.73
C GLN A 144 -14.53 -29.96 -17.63
N LYS A 145 -13.78 -28.88 -17.48
CA LYS A 145 -12.76 -28.79 -16.45
C LYS A 145 -13.20 -27.84 -15.35
N THR A 146 -12.60 -28.00 -14.17
CA THR A 146 -12.74 -26.98 -13.13
C THR A 146 -11.64 -25.94 -13.32
N GLN A 147 -12.04 -24.69 -13.62
CA GLN A 147 -11.13 -23.58 -13.84
C GLN A 147 -11.62 -22.38 -13.06
N GLY A 148 -10.70 -21.48 -12.70
CA GLY A 148 -11.04 -20.30 -11.91
C GLY A 148 -10.83 -19.02 -12.68
N ILE A 149 -11.64 -18.01 -12.34
CA ILE A 149 -11.63 -16.70 -12.97
C ILE A 149 -11.72 -15.63 -11.90
N TRP A 150 -10.86 -14.61 -11.96
CA TRP A 150 -11.07 -13.39 -11.20
C TRP A 150 -11.40 -12.27 -12.17
N LEU A 151 -12.54 -11.60 -11.97
CA LEU A 151 -12.99 -10.49 -12.81
C LEU A 151 -12.75 -9.18 -12.08
N SER A 152 -11.93 -8.31 -12.66
CA SER A 152 -11.77 -6.99 -12.07
C SER A 152 -13.04 -6.18 -12.23
N PRO A 153 -13.18 -5.10 -11.44
CA PRO A 153 -14.21 -4.10 -11.72
C PRO A 153 -14.00 -3.49 -13.10
N LEU A 154 -15.05 -2.84 -13.60
CA LEU A 154 -14.88 -1.92 -14.72
C LEU A 154 -14.12 -0.68 -14.25
N TYR A 155 -12.88 -0.53 -14.71
CA TYR A 155 -12.04 0.57 -14.30
C TYR A 155 -12.32 1.78 -15.18
N PRO A 156 -12.77 2.91 -14.64
CA PRO A 156 -13.02 4.08 -15.48
C PRO A 156 -11.72 4.75 -15.89
N ARG A 157 -11.79 5.50 -16.97
CA ARG A 157 -10.64 6.28 -17.40
C ARG A 157 -10.50 7.52 -16.53
N ILE A 158 -9.26 7.88 -16.21
CA ILE A 158 -8.97 9.13 -15.52
C ILE A 158 -9.11 10.27 -16.52
N ALA A 159 -9.78 11.35 -16.10
CA ALA A 159 -10.03 12.47 -16.99
C ALA A 159 -8.73 13.08 -17.51
N ASP A 160 -8.74 13.45 -18.79
CA ASP A 160 -7.60 14.12 -19.39
C ASP A 160 -7.24 15.37 -18.59
N GLY A 161 -5.96 15.51 -18.27
CA GLY A 161 -5.51 16.63 -17.47
C GLY A 161 -5.65 16.46 -15.98
N THR A 162 -6.39 15.45 -15.51
CA THR A 162 -6.46 15.14 -14.10
C THR A 162 -5.24 14.32 -13.70
N HIS A 163 -4.56 14.76 -12.64
CA HIS A 163 -3.41 14.01 -12.10
C HIS A 163 -3.86 13.29 -10.84
N LYS A 164 -4.00 11.98 -10.94
CA LYS A 164 -4.36 11.13 -9.82
C LYS A 164 -3.62 9.81 -10.00
N SER A 165 -3.42 9.09 -8.89
CA SER A 165 -2.70 7.82 -9.03
C SER A 165 -3.58 6.75 -9.68
N GLY A 166 -4.88 6.73 -9.34
CA GLY A 166 -5.70 5.58 -9.71
C GLY A 166 -5.29 4.29 -9.02
N GLU A 167 -4.58 4.38 -7.91
CA GLU A 167 -4.02 3.23 -7.23
C GLU A 167 -4.96 2.71 -6.14
N SER A 168 -4.91 1.40 -5.92
N SER A 168 -4.91 1.39 -5.93
CA SER A 168 -5.73 0.74 -4.91
CA SER A 168 -5.72 0.72 -4.92
C SER A 168 -4.94 0.58 -3.62
C SER A 168 -4.94 0.56 -3.63
N PRO A 169 -5.61 0.29 -2.51
CA PRO A 169 -4.87 0.01 -1.27
C PRO A 169 -4.02 -1.24 -1.34
N THR A 170 -4.25 -2.12 -2.33
CA THR A 170 -3.41 -3.29 -2.51
C THR A 170 -2.25 -3.04 -3.48
N HIS A 171 -2.11 -1.82 -4.01
CA HIS A 171 -1.03 -1.47 -4.94
C HIS A 171 -1.16 -2.19 -6.28
N PHE A 172 -2.36 -2.64 -6.63
CA PHE A 172 -2.55 -3.50 -7.79
C PHE A 172 -2.12 -2.81 -9.09
N LYS A 173 -2.39 -1.51 -9.22
CA LYS A 173 -2.10 -0.83 -10.47
C LYS A 173 -0.59 -0.82 -10.75
N ALA A 174 0.19 -0.33 -9.79
CA ALA A 174 1.64 -0.33 -9.97
C ALA A 174 2.19 -1.75 -10.09
N ASP A 175 1.60 -2.70 -9.35
CA ASP A 175 2.13 -4.07 -9.41
C ASP A 175 1.86 -4.71 -10.77
N LEU A 176 0.68 -4.49 -11.33
CA LEU A 176 0.40 -5.00 -12.67
C LEU A 176 1.32 -4.36 -13.69
N ILE A 177 1.55 -3.05 -13.58
CA ILE A 177 2.49 -2.42 -14.49
C ILE A 177 3.87 -3.02 -14.35
N SER A 178 4.29 -3.28 -13.10
N SER A 178 4.31 -3.28 -13.10
CA SER A 178 5.60 -3.88 -12.85
CA SER A 178 5.62 -3.87 -12.88
C SER A 178 5.71 -5.25 -13.49
C SER A 178 5.71 -5.25 -13.51
N TYR A 179 4.65 -6.04 -13.39
CA TYR A 179 4.61 -7.36 -14.02
C TYR A 179 4.78 -7.23 -15.52
N LEU A 180 4.05 -6.29 -16.14
CA LEU A 180 4.17 -6.08 -17.57
C LEU A 180 5.54 -5.54 -17.98
N MET A 181 6.12 -4.68 -17.13
N MET A 181 6.13 -4.68 -17.14
CA MET A 181 7.43 -4.11 -17.43
CA MET A 181 7.44 -4.12 -17.47
C MET A 181 8.49 -5.20 -17.58
C MET A 181 8.50 -5.21 -17.59
N ALA A 182 8.35 -6.31 -16.86
CA ALA A 182 9.35 -7.37 -16.91
C ALA A 182 9.50 -7.97 -18.30
N TYR A 183 8.44 -7.91 -19.12
CA TYR A 183 8.52 -8.46 -20.47
C TYR A 183 9.47 -7.65 -21.37
N ASN A 184 9.64 -6.36 -21.09
CA ASN A 184 10.44 -5.47 -21.93
C ASN A 184 9.99 -5.52 -23.39
N ALA A 185 8.67 -5.45 -23.59
CA ALA A 185 8.12 -5.62 -24.93
C ALA A 185 7.34 -4.39 -25.38
N PRO A 186 7.53 -3.94 -26.63
CA PRO A 186 6.83 -2.72 -27.06
C PRO A 186 5.32 -2.85 -27.05
N SER A 187 4.79 -4.00 -27.45
CA SER A 187 3.33 -4.16 -27.45
C SER A 187 2.77 -4.06 -26.03
N LEU A 188 3.54 -4.48 -25.02
CA LEU A 188 3.03 -4.39 -23.65
C LEU A 188 3.29 -3.02 -23.04
N LYS A 189 4.28 -2.28 -23.54
CA LYS A 189 4.37 -0.87 -23.13
C LYS A 189 3.11 -0.11 -23.54
N GLU A 190 2.51 -0.44 -24.69
CA GLU A 190 1.26 0.22 -25.05
C GLU A 190 0.17 -0.08 -24.04
N TRP A 191 0.10 -1.34 -23.57
CA TRP A 191 -0.88 -1.70 -22.57
C TRP A 191 -0.56 -1.07 -21.21
N ILE A 192 0.72 -0.92 -20.89
CA ILE A 192 1.09 -0.18 -19.67
C ILE A 192 0.54 1.22 -19.75
N ASP A 193 0.66 1.87 -20.91
CA ASP A 193 0.19 3.24 -21.02
C ASP A 193 -1.33 3.32 -20.92
N VAL A 194 -2.04 2.30 -21.44
CA VAL A 194 -3.48 2.20 -21.23
C VAL A 194 -3.82 2.09 -19.74
N ILE A 195 -3.12 1.21 -19.02
CA ILE A 195 -3.39 1.05 -17.60
C ILE A 195 -3.14 2.36 -16.84
N HIS A 196 -2.05 3.07 -17.18
CA HIS A 196 -1.77 4.36 -16.53
C HIS A 196 -2.97 5.31 -16.60
N LYS A 197 -3.71 5.27 -17.71
CA LYS A 197 -4.80 6.20 -17.92
C LYS A 197 -6.10 5.79 -17.23
N HIS A 198 -6.13 4.67 -16.50
CA HIS A 198 -7.35 4.20 -15.86
C HIS A 198 -7.22 4.20 -14.34
N ASP A 199 -8.38 4.22 -13.68
CA ASP A 199 -8.48 4.28 -12.23
C ASP A 199 -8.75 2.87 -11.73
N LEU A 200 -7.74 2.24 -11.11
CA LEU A 200 -7.86 0.88 -10.60
C LEU A 200 -8.03 0.84 -9.09
N SER A 201 -8.44 1.95 -8.49
CA SER A 201 -8.43 2.10 -7.05
C SER A 201 -9.40 1.16 -6.34
N GLU A 202 -10.42 0.66 -7.02
CA GLU A 202 -11.37 -0.23 -6.36
C GLU A 202 -10.86 -1.65 -6.19
N THR A 203 -9.66 -1.97 -6.71
CA THR A 203 -9.17 -3.34 -6.68
C THR A 203 -8.85 -3.78 -5.26
N ASN A 204 -9.42 -4.92 -4.84
CA ASN A 204 -9.25 -5.39 -3.48
C ASN A 204 -8.45 -6.70 -3.39
N VAL A 205 -7.80 -7.13 -4.48
CA VAL A 205 -6.89 -8.27 -4.46
C VAL A 205 -5.46 -7.80 -4.64
N TYR A 206 -4.53 -8.62 -4.16
CA TYR A 206 -3.10 -8.39 -4.39
C TYR A 206 -2.62 -9.25 -5.55
N LEU A 207 -1.79 -8.66 -6.40
CA LEU A 207 -1.19 -9.40 -7.51
C LEU A 207 0.00 -10.21 -7.04
N ILE A 208 0.08 -11.49 -7.44
CA ILE A 208 1.26 -12.31 -7.18
C ILE A 208 1.73 -12.86 -8.51
N GLY A 209 2.83 -12.33 -9.02
CA GLY A 209 3.37 -12.81 -10.27
C GLY A 209 4.70 -13.50 -10.12
N SER A 210 5.03 -14.30 -11.13
CA SER A 210 6.37 -14.81 -11.37
C SER A 210 6.83 -14.34 -12.74
N THR A 211 8.10 -14.01 -12.85
N THR A 211 8.09 -13.95 -12.83
CA THR A 211 8.72 -13.68 -14.12
CA THR A 211 8.72 -13.66 -14.11
C THR A 211 10.14 -14.23 -14.09
C THR A 211 10.11 -14.27 -14.09
N PRO A 212 10.67 -14.63 -15.25
CA PRO A 212 11.99 -15.28 -15.24
C PRO A 212 13.09 -14.34 -14.79
N GLY A 213 14.00 -14.89 -14.00
CA GLY A 213 15.15 -14.11 -13.60
C GLY A 213 15.79 -14.63 -12.34
N ARG A 214 16.81 -13.89 -11.91
N ARG A 214 16.82 -13.90 -11.91
CA ARG A 214 17.56 -14.17 -10.69
CA ARG A 214 17.55 -14.19 -10.68
C ARG A 214 17.52 -12.91 -9.84
C ARG A 214 17.52 -12.92 -9.84
N PHE A 215 16.72 -12.95 -8.78
CA PHE A 215 16.36 -11.76 -8.01
C PHE A 215 17.08 -11.73 -6.67
N GLN A 216 17.81 -10.65 -6.41
CA GLN A 216 18.53 -10.45 -5.17
C GLN A 216 18.11 -9.13 -4.52
N GLY A 217 18.52 -8.94 -3.27
CA GLY A 217 18.29 -7.67 -2.60
C GLY A 217 16.80 -7.40 -2.42
N SER A 218 16.39 -6.17 -2.72
CA SER A 218 14.98 -5.83 -2.57
C SER A 218 14.13 -6.54 -3.60
N GLN A 219 14.67 -6.77 -4.81
CA GLN A 219 13.91 -7.45 -5.85
C GLN A 219 13.50 -8.85 -5.45
N LYS A 220 14.16 -9.43 -4.42
CA LYS A 220 13.83 -10.76 -3.95
C LYS A 220 12.34 -10.92 -3.65
N ASP A 221 11.73 -9.89 -3.09
CA ASP A 221 10.34 -9.97 -2.64
C ASP A 221 9.33 -9.65 -3.72
N ASN A 222 9.78 -9.37 -4.94
CA ASN A 222 8.85 -8.95 -5.99
C ASN A 222 8.04 -10.12 -6.55
N TRP A 223 8.55 -11.35 -6.50
CA TRP A 223 7.99 -12.42 -7.32
C TRP A 223 7.89 -13.74 -6.56
N GLY A 224 7.05 -14.63 -7.09
CA GLY A 224 7.09 -16.02 -6.63
C GLY A 224 6.74 -16.18 -5.17
N HIS A 225 7.32 -17.20 -4.53
CA HIS A 225 6.89 -17.48 -3.16
C HIS A 225 7.42 -16.46 -2.16
N PHE A 226 8.46 -15.69 -2.51
CA PHE A 226 8.87 -14.58 -1.64
C PHE A 226 7.91 -13.40 -1.73
N ARG A 227 7.25 -13.21 -2.88
CA ARG A 227 6.20 -12.21 -2.97
C ARG A 227 5.02 -12.59 -2.08
N LEU A 228 4.61 -13.85 -2.13
CA LEU A 228 3.59 -14.33 -1.21
C LEU A 228 4.00 -14.13 0.24
N LYS A 229 5.21 -14.57 0.61
CA LYS A 229 5.70 -14.40 1.96
C LYS A 229 5.63 -12.94 2.41
N LYS A 230 6.09 -12.02 1.55
CA LYS A 230 6.08 -10.59 1.90
C LYS A 230 4.67 -10.09 2.17
N LEU A 231 3.72 -10.46 1.30
CA LEU A 231 2.34 -9.99 1.48
C LEU A 231 1.74 -10.55 2.77
N LEU A 232 2.02 -11.82 3.08
CA LEU A 232 1.51 -12.42 4.30
C LEU A 232 2.15 -11.80 5.54
N LYS A 233 3.43 -11.47 5.46
CA LYS A 233 4.07 -10.79 6.58
C LYS A 233 3.47 -9.41 6.82
N ASP A 234 3.20 -8.66 5.74
CA ASP A 234 2.78 -7.28 5.84
C ASP A 234 1.29 -7.08 6.06
N HIS A 235 0.43 -8.00 5.56
CA HIS A 235 -1.00 -7.71 5.51
C HIS A 235 -1.87 -8.83 6.09
N ALA A 236 -1.27 -9.80 6.76
CA ALA A 236 -1.99 -10.78 7.56
C ALA A 236 -1.45 -10.73 8.98
N SER A 237 -2.22 -11.28 9.91
N SER A 237 -2.22 -11.28 9.91
CA SER A 237 -1.82 -11.35 11.30
CA SER A 237 -1.82 -11.35 11.30
C SER A 237 -1.79 -12.80 11.75
C SER A 237 -1.78 -12.81 11.73
N SER A 238 -0.82 -13.14 12.59
CA SER A 238 -0.75 -14.47 13.16
C SER A 238 -1.75 -14.59 14.30
N MET A 239 -2.36 -15.76 14.40
CA MET A 239 -3.31 -16.02 15.47
C MET A 239 -2.74 -17.04 16.44
N PRO A 240 -3.32 -17.16 17.63
CA PRO A 240 -2.92 -18.25 18.52
C PRO A 240 -3.16 -19.58 17.84
N ASN A 241 -2.26 -20.53 18.07
CA ASN A 241 -2.37 -21.88 17.52
C ASN A 241 -2.24 -21.87 16.00
N ALA A 242 -1.56 -20.85 15.45
CA ALA A 242 -1.33 -20.79 14.01
C ALA A 242 -0.68 -22.06 13.49
N GLU A 243 0.11 -22.73 14.33
CA GLU A 243 0.76 -23.98 13.98
C GLU A 243 -0.24 -25.06 13.58
N SER A 244 -1.49 -24.93 13.99
CA SER A 244 -2.51 -25.92 13.68
C SER A 244 -3.32 -25.56 12.45
N TRP A 245 -3.10 -24.39 11.87
CA TRP A 245 -3.81 -24.01 10.65
C TRP A 245 -3.10 -24.64 9.46
N PRO A 246 -3.73 -25.54 8.73
CA PRO A 246 -3.04 -26.20 7.61
C PRO A 246 -2.73 -25.24 6.46
N VAL A 247 -1.86 -25.73 5.58
CA VAL A 247 -1.66 -25.15 4.25
C VAL A 247 -2.25 -26.13 3.25
N VAL A 248 -3.00 -25.62 2.26
CA VAL A 248 -3.55 -26.44 1.19
C VAL A 248 -3.03 -25.92 -0.13
N GLY A 249 -2.49 -26.81 -0.95
CA GLY A 249 -2.10 -26.48 -2.31
C GLY A 249 -2.77 -27.44 -3.27
N GLN A 250 -3.18 -26.90 -4.41
CA GLN A 250 -4.04 -27.63 -5.33
C GLN A 250 -3.66 -27.22 -6.75
N PHE A 251 -3.36 -28.20 -7.60
CA PHE A 251 -2.64 -27.86 -8.84
C PHE A 251 -2.89 -28.96 -9.87
N SER A 252 -2.44 -28.69 -11.09
CA SER A 252 -2.62 -29.63 -12.21
C SER A 252 -1.32 -30.18 -12.77
N SER A 253 -0.16 -29.76 -12.26
CA SER A 253 1.11 -30.23 -12.78
C SER A 253 2.11 -30.22 -11.63
N VAL A 254 3.10 -31.12 -11.71
CA VAL A 254 4.05 -31.35 -10.64
C VAL A 254 5.45 -31.38 -11.24
N GLY A 255 6.34 -30.52 -10.73
CA GLY A 255 7.73 -30.51 -11.14
C GLY A 255 8.60 -31.39 -10.26
N SER A 256 9.89 -31.39 -10.59
N SER A 256 9.89 -31.40 -10.60
CA SER A 256 10.88 -32.14 -9.83
CA SER A 256 10.89 -32.14 -9.83
C SER A 256 11.25 -31.35 -8.57
C SER A 256 11.22 -31.33 -8.58
N LEU A 257 10.88 -31.86 -7.41
CA LEU A 257 11.04 -31.13 -6.15
C LEU A 257 12.26 -31.56 -5.34
N GLY A 258 12.97 -32.59 -5.75
CA GLY A 258 14.15 -33.05 -5.05
C GLY A 258 13.93 -34.40 -4.40
N ALA A 259 15.03 -34.93 -3.84
CA ALA A 259 15.05 -36.30 -3.37
C ALA A 259 14.27 -36.49 -2.07
N ASP A 260 13.95 -35.42 -1.36
CA ASP A 260 13.14 -35.50 -0.15
C ASP A 260 12.50 -34.14 0.11
N GLU A 261 11.63 -34.10 1.11
CA GLU A 261 10.83 -32.91 1.34
C GLU A 261 11.66 -31.73 1.84
N SER A 262 12.84 -31.98 2.42
CA SER A 262 13.65 -30.89 2.93
C SER A 262 14.35 -30.10 1.83
N LYS A 263 14.40 -30.61 0.60
CA LYS A 263 15.14 -29.93 -0.46
C LYS A 263 14.46 -28.63 -0.86
N TRP A 264 13.13 -28.62 -0.87
CA TRP A 264 12.40 -27.43 -1.32
C TRP A 264 10.99 -27.36 -0.73
N LEU A 265 10.25 -28.47 -0.80
CA LEU A 265 8.81 -28.39 -0.51
C LEU A 265 8.57 -27.94 0.93
N CYS A 266 9.22 -28.59 1.88
CA CYS A 266 8.96 -28.32 3.30
C CYS A 266 10.01 -27.41 3.92
N SER A 267 10.91 -26.86 3.10
CA SER A 267 11.92 -25.96 3.62
C SER A 267 11.59 -24.53 3.19
N GLU A 268 11.72 -24.19 1.92
CA GLU A 268 11.44 -22.80 1.57
C GLU A 268 10.00 -22.59 1.10
N PHE A 269 9.40 -23.55 0.37
CA PHE A 269 8.05 -23.35 -0.12
C PHE A 269 7.04 -23.31 1.03
N LYS A 270 7.03 -24.36 1.86
CA LYS A 270 6.12 -24.37 3.01
C LYS A 270 6.40 -23.18 3.93
N GLU A 271 7.67 -22.83 4.15
CA GLU A 271 7.99 -21.72 5.03
C GLU A 271 7.33 -20.43 4.55
N SER A 272 7.37 -20.18 3.23
CA SER A 272 6.71 -19.00 2.71
C SER A 272 5.21 -19.09 2.93
N MET A 273 4.64 -20.26 2.64
CA MET A 273 3.19 -20.45 2.73
C MET A 273 2.67 -20.35 4.16
N LEU A 274 3.49 -20.68 5.16
N LEU A 274 3.47 -20.68 5.16
CA LEU A 274 3.08 -20.63 6.55
CA LEU A 274 2.99 -20.62 6.53
C LEU A 274 3.07 -19.22 7.12
C LEU A 274 3.21 -19.26 7.20
N THR A 275 3.75 -18.29 6.47
CA THR A 275 4.00 -16.97 7.05
C THR A 275 2.70 -16.25 7.37
N LEU A 276 2.64 -15.65 8.57
CA LEU A 276 1.55 -14.76 8.95
C LEU A 276 2.12 -13.68 9.86
N GLY A 277 2.03 -12.43 9.43
CA GLY A 277 2.45 -11.33 10.29
C GLY A 277 3.95 -11.12 10.33
N LYS A 278 4.36 -10.18 11.18
CA LYS A 278 5.71 -9.64 11.12
C LYS A 278 6.67 -10.21 12.17
N GLU A 279 6.18 -10.99 13.11
CA GLU A 279 7.05 -11.58 14.11
C GLU A 279 7.60 -12.91 13.59
N SER A 280 8.37 -13.60 14.43
CA SER A 280 8.99 -14.85 14.02
C SER A 280 8.79 -15.95 15.05
N SER A 286 8.56 -27.37 11.69
CA SER A 286 7.22 -26.85 11.88
C SER A 286 6.15 -27.94 11.75
N SER A 287 5.19 -27.91 12.66
CA SER A 287 4.14 -28.91 12.76
C SER A 287 2.97 -28.68 11.81
N VAL A 288 3.00 -27.63 10.99
CA VAL A 288 1.85 -27.24 10.18
C VAL A 288 1.52 -28.34 9.18
N PRO A 289 0.29 -28.86 9.19
CA PRO A 289 -0.09 -29.87 8.19
C PRO A 289 -0.11 -29.30 6.78
N LEU A 290 0.38 -30.08 5.83
CA LEU A 290 0.41 -29.69 4.43
C LEU A 290 -0.44 -30.66 3.63
N TYR A 291 -1.49 -30.15 3.00
CA TYR A 291 -2.39 -30.94 2.15
C TYR A 291 -2.14 -30.54 0.71
N LEU A 292 -1.82 -31.51 -0.13
CA LEU A 292 -1.66 -31.26 -1.57
C LEU A 292 -2.76 -32.01 -2.30
N ILE A 293 -3.51 -31.31 -3.14
CA ILE A 293 -4.64 -31.91 -3.84
C ILE A 293 -4.27 -32.08 -5.31
N TYR A 294 -4.33 -33.32 -5.80
CA TYR A 294 -3.93 -33.60 -7.19
C TYR A 294 -4.68 -34.85 -7.63
N PRO A 295 -5.26 -34.85 -8.83
CA PRO A 295 -6.12 -35.99 -9.22
C PRO A 295 -5.42 -37.34 -9.21
N SER A 296 -6.08 -38.32 -8.59
CA SER A 296 -5.67 -39.71 -8.68
C SER A 296 -6.00 -40.26 -10.07
N VAL A 297 -5.46 -41.45 -10.38
CA VAL A 297 -5.84 -42.12 -11.61
C VAL A 297 -7.35 -42.36 -11.64
N GLU A 298 -7.91 -42.76 -10.50
N GLU A 298 -7.93 -42.76 -10.50
CA GLU A 298 -9.35 -43.01 -10.44
CA GLU A 298 -9.36 -43.01 -10.46
C GLU A 298 -10.15 -41.74 -10.67
C GLU A 298 -10.15 -41.73 -10.69
N ASN A 299 -9.68 -40.60 -10.14
CA ASN A 299 -10.33 -39.32 -10.40
C ASN A 299 -10.43 -39.07 -11.90
N VAL A 300 -9.34 -39.32 -12.62
CA VAL A 300 -9.32 -39.03 -14.06
C VAL A 300 -10.18 -40.03 -14.81
N ARG A 301 -10.06 -41.31 -14.50
CA ARG A 301 -10.79 -42.35 -15.22
C ARG A 301 -12.29 -42.09 -15.18
N THR A 302 -12.82 -41.70 -14.01
CA THR A 302 -14.26 -41.54 -13.84
C THR A 302 -14.72 -40.12 -14.14
N SER A 303 -13.84 -39.28 -14.67
CA SER A 303 -14.18 -37.88 -14.92
C SER A 303 -15.10 -37.76 -16.13
N LEU A 304 -15.68 -36.56 -16.30
CA LEU A 304 -16.51 -36.30 -17.47
C LEU A 304 -15.78 -36.58 -18.77
N GLU A 305 -14.51 -36.16 -18.86
CA GLU A 305 -13.72 -36.36 -20.07
C GLU A 305 -13.17 -37.76 -20.20
N GLY A 306 -13.01 -38.47 -19.09
CA GLY A 306 -12.32 -39.74 -19.10
C GLY A 306 -10.81 -39.55 -19.09
N TYR A 307 -10.10 -40.57 -19.56
CA TYR A 307 -8.63 -40.51 -19.56
C TYR A 307 -8.09 -39.29 -20.29
N PRO A 308 -8.72 -38.80 -21.38
CA PRO A 308 -8.18 -37.58 -22.02
C PRO A 308 -8.06 -36.36 -21.13
N ALA A 309 -8.80 -36.28 -20.01
CA ALA A 309 -8.54 -35.20 -19.05
C ALA A 309 -7.09 -35.21 -18.60
N GLY A 310 -6.47 -36.38 -18.56
CA GLY A 310 -5.10 -36.49 -18.14
C GLY A 310 -4.10 -35.88 -19.09
N GLY A 311 -4.52 -35.60 -20.33
CA GLY A 311 -3.67 -34.83 -21.22
C GLY A 311 -3.42 -33.40 -20.76
N SER A 312 -4.23 -32.91 -19.82
CA SER A 312 -4.04 -31.59 -19.21
C SER A 312 -3.63 -31.68 -17.74
N LEU A 313 -3.11 -32.84 -17.32
CA LEU A 313 -2.56 -33.05 -15.97
C LEU A 313 -1.13 -33.52 -16.17
N PRO A 314 -0.21 -32.61 -16.49
CA PRO A 314 1.14 -33.04 -16.89
C PRO A 314 2.03 -33.38 -15.71
N TYR A 315 2.20 -34.67 -15.49
CA TYR A 315 3.09 -35.22 -14.47
C TYR A 315 3.72 -36.46 -15.09
N SER A 316 5.00 -36.39 -15.41
CA SER A 316 5.67 -37.47 -16.12
C SER A 316 6.18 -38.53 -15.16
N ILE A 317 6.25 -39.77 -15.65
CA ILE A 317 6.79 -40.86 -14.84
C ILE A 317 8.26 -40.58 -14.51
N GLN A 318 8.98 -39.91 -15.41
CA GLN A 318 10.37 -39.57 -15.17
C GLN A 318 10.51 -38.66 -13.95
N THR A 319 9.59 -37.70 -13.80
CA THR A 319 9.59 -36.85 -12.62
C THR A 319 9.13 -37.62 -11.39
N ALA A 320 8.01 -38.36 -11.52
CA ALA A 320 7.38 -38.97 -10.35
C ALA A 320 8.27 -40.01 -9.69
N GLU A 321 8.95 -40.84 -10.47
CA GLU A 321 9.69 -41.96 -9.90
C GLU A 321 10.87 -41.52 -9.03
N LYS A 322 11.28 -40.26 -9.14
CA LYS A 322 12.36 -39.75 -8.32
C LYS A 322 11.89 -39.12 -7.01
N GLN A 323 10.59 -39.03 -6.79
CA GLN A 323 10.07 -38.33 -5.61
C GLN A 323 8.82 -39.02 -5.09
N ASN A 324 8.90 -40.34 -4.91
CA ASN A 324 7.74 -41.07 -4.41
C ASN A 324 7.35 -40.60 -3.03
N TRP A 325 8.30 -40.06 -2.26
CA TRP A 325 7.99 -39.46 -0.95
C TRP A 325 6.87 -38.43 -1.05
N LEU A 326 6.77 -37.73 -2.18
CA LEU A 326 5.80 -36.64 -2.31
C LEU A 326 4.37 -37.15 -2.26
N HIS A 327 4.11 -38.35 -2.78
CA HIS A 327 2.73 -38.77 -2.96
C HIS A 327 2.03 -39.05 -1.64
N SER A 328 2.77 -39.23 -0.54
N SER A 328 2.79 -39.22 -0.54
CA SER A 328 2.14 -39.36 0.76
CA SER A 328 2.17 -39.34 0.77
C SER A 328 1.45 -38.08 1.21
C SER A 328 1.44 -38.08 1.20
N TYR A 329 1.68 -36.96 0.50
CA TYR A 329 0.99 -35.71 0.77
C TYR A 329 -0.27 -35.53 -0.08
N PHE A 330 -0.54 -36.46 -0.99
CA PHE A 330 -1.55 -36.23 -2.02
C PHE A 330 -2.94 -36.62 -1.55
N HIS A 331 -3.90 -35.75 -1.87
CA HIS A 331 -5.32 -35.92 -1.55
C HIS A 331 -6.13 -35.90 -2.85
N LYS A 332 -7.24 -36.63 -2.87
CA LYS A 332 -8.08 -36.75 -4.05
C LYS A 332 -8.74 -35.43 -4.42
N TRP A 333 -9.05 -35.27 -5.70
CA TRP A 333 -9.94 -34.18 -6.10
C TRP A 333 -11.38 -34.52 -5.71
N SER A 334 -12.03 -33.59 -5.03
CA SER A 334 -13.42 -33.76 -4.63
C SER A 334 -14.06 -32.38 -4.62
N ALA A 335 -15.18 -32.22 -5.31
CA ALA A 335 -15.79 -30.89 -5.39
C ALA A 335 -17.32 -30.99 -5.40
N GLU A 336 -17.89 -31.79 -4.49
CA GLU A 336 -19.35 -31.84 -4.37
C GLU A 336 -19.95 -30.46 -4.13
N THR A 337 -19.23 -29.61 -3.41
CA THR A 337 -19.74 -28.28 -3.09
C THR A 337 -20.10 -27.49 -4.35
N SER A 338 -19.40 -27.73 -5.45
CA SER A 338 -19.67 -27.03 -6.70
C SER A 338 -20.12 -27.98 -7.81
N GLY A 339 -20.52 -29.21 -7.47
CA GLY A 339 -20.96 -30.18 -8.47
C GLY A 339 -19.89 -30.61 -9.45
N ARG A 340 -18.61 -30.49 -9.06
CA ARG A 340 -17.50 -30.59 -10.01
C ARG A 340 -16.51 -31.70 -9.66
N SER A 341 -16.95 -32.72 -8.90
CA SER A 341 -16.02 -33.81 -8.59
C SER A 341 -15.54 -34.52 -9.84
N ASN A 342 -16.35 -34.53 -10.90
CA ASN A 342 -15.96 -35.22 -12.14
C ASN A 342 -15.46 -34.26 -13.21
N ALA A 343 -15.28 -32.99 -12.86
CA ALA A 343 -14.72 -31.98 -13.76
C ALA A 343 -13.28 -31.74 -13.33
N MET A 344 -12.33 -32.33 -14.05
CA MET A 344 -10.96 -32.38 -13.56
C MET A 344 -10.39 -30.97 -13.41
N PRO A 345 -9.57 -30.74 -12.39
CA PRO A 345 -9.08 -29.37 -12.12
C PRO A 345 -7.94 -28.99 -13.04
N HIS A 346 -8.06 -27.81 -13.64
CA HIS A 346 -6.94 -27.09 -14.21
C HIS A 346 -6.75 -25.75 -13.51
N ILE A 347 -7.66 -25.39 -12.61
CA ILE A 347 -7.43 -24.31 -11.64
C ILE A 347 -6.23 -24.69 -10.76
N LYS A 348 -5.53 -23.67 -10.26
CA LYS A 348 -4.54 -23.84 -9.20
C LYS A 348 -4.94 -22.91 -8.08
N THR A 349 -4.93 -23.41 -6.85
CA THR A 349 -5.31 -22.61 -5.68
C THR A 349 -4.43 -22.99 -4.50
N TYR A 350 -4.21 -22.02 -3.63
CA TYR A 350 -3.46 -22.21 -2.38
C TYR A 350 -4.21 -21.43 -1.32
N MET A 351 -4.30 -21.99 -0.11
CA MET A 351 -5.07 -21.30 0.94
C MET A 351 -4.64 -21.81 2.30
N ARG A 352 -5.08 -21.10 3.33
CA ARG A 352 -4.66 -21.37 4.70
C ARG A 352 -5.89 -21.53 5.58
N PRO A 353 -6.47 -22.73 5.65
CA PRO A 353 -7.66 -22.93 6.47
C PRO A 353 -7.36 -23.04 7.95
N SER A 354 -8.40 -22.85 8.75
CA SER A 354 -8.35 -23.09 10.18
C SER A 354 -8.32 -24.60 10.44
N PRO A 355 -8.01 -25.04 11.66
CA PRO A 355 -7.90 -26.48 11.91
C PRO A 355 -9.17 -27.27 11.58
N ASP A 356 -10.35 -26.67 11.71
CA ASP A 356 -11.59 -27.36 11.37
C ASP A 356 -12.10 -26.96 9.99
N PHE A 357 -11.29 -26.26 9.20
CA PHE A 357 -11.58 -25.89 7.82
C PHE A 357 -12.83 -25.03 7.69
N SER A 358 -13.26 -24.37 8.77
CA SER A 358 -14.44 -23.53 8.72
C SER A 358 -14.12 -22.10 8.30
N LYS A 359 -12.85 -21.71 8.39
CA LYS A 359 -12.38 -20.37 8.06
C LYS A 359 -11.12 -20.51 7.24
N ILE A 360 -10.76 -19.45 6.51
CA ILE A 360 -9.45 -19.37 5.89
C ILE A 360 -8.81 -18.02 6.15
N ALA A 361 -7.48 -18.04 6.27
CA ALA A 361 -6.72 -16.83 6.50
C ALA A 361 -6.37 -16.09 5.22
N TRP A 362 -6.43 -16.77 4.07
CA TRP A 362 -6.20 -16.17 2.76
C TRP A 362 -6.47 -17.25 1.71
N PHE A 363 -6.62 -16.79 0.47
CA PHE A 363 -6.89 -17.66 -0.67
C PHE A 363 -6.22 -17.07 -1.90
N LEU A 364 -5.58 -17.92 -2.69
CA LEU A 364 -4.88 -17.50 -3.89
C LEU A 364 -5.37 -18.36 -5.05
N VAL A 365 -5.76 -17.74 -6.14
CA VAL A 365 -5.97 -18.46 -7.40
C VAL A 365 -4.88 -18.01 -8.37
N THR A 366 -4.29 -18.97 -9.09
CA THR A 366 -3.08 -18.63 -9.83
C THR A 366 -2.87 -19.62 -10.98
N SER A 367 -1.90 -19.31 -11.84
CA SER A 367 -1.42 -20.27 -12.83
C SER A 367 -0.33 -21.18 -12.27
N ALA A 368 0.24 -20.85 -11.11
CA ALA A 368 1.43 -21.52 -10.61
C ALA A 368 1.12 -22.94 -10.11
N ASN A 369 1.76 -23.92 -10.75
CA ASN A 369 1.71 -25.31 -10.32
C ASN A 369 2.72 -25.58 -9.22
N LEU A 370 2.78 -26.85 -8.77
CA LEU A 370 3.70 -27.26 -7.71
C LEU A 370 5.07 -27.53 -8.33
N SER A 371 5.81 -26.46 -8.54
CA SER A 371 7.10 -26.57 -9.22
C SER A 371 7.99 -25.39 -8.85
N LYS A 372 9.30 -25.69 -8.79
CA LYS A 372 10.30 -24.65 -8.57
C LYS A 372 10.33 -23.65 -9.72
N ALA A 373 10.06 -24.11 -10.94
CA ALA A 373 10.06 -23.19 -12.06
C ALA A 373 9.03 -22.08 -11.86
N ALA A 374 7.89 -22.43 -11.27
CA ALA A 374 6.76 -21.52 -11.11
C ALA A 374 6.92 -20.62 -9.90
N TRP A 375 7.40 -21.18 -8.79
CA TRP A 375 7.40 -20.47 -7.52
C TRP A 375 8.74 -19.86 -7.18
N GLY A 376 9.82 -20.36 -7.78
CA GLY A 376 11.14 -19.89 -7.44
C GLY A 376 11.87 -20.84 -6.52
N ALA A 377 13.19 -20.89 -6.69
CA ALA A 377 14.08 -21.70 -5.86
C ALA A 377 15.23 -20.81 -5.42
N LEU A 378 15.51 -20.81 -4.13
CA LEU A 378 16.61 -20.01 -3.60
C LEU A 378 17.95 -20.53 -4.09
N GLU A 379 18.85 -19.59 -4.38
CA GLU A 379 20.22 -19.85 -4.81
C GLU A 379 21.15 -18.90 -4.08
N LYS A 380 22.45 -19.12 -4.24
CA LYS A 380 23.48 -18.26 -3.69
C LYS A 380 23.30 -18.10 -2.17
N ASN A 381 23.28 -19.23 -1.48
CA ASN A 381 23.25 -19.23 -0.02
C ASN A 381 22.03 -18.46 0.51
N GLY A 382 20.89 -18.66 -0.15
CA GLY A 382 19.64 -18.07 0.25
C GLY A 382 19.45 -16.60 -0.11
N THR A 383 20.36 -16.01 -0.89
CA THR A 383 20.30 -14.59 -1.18
C THR A 383 19.64 -14.25 -2.51
N GLN A 384 19.35 -15.26 -3.34
CA GLN A 384 18.85 -15.04 -4.69
C GLN A 384 17.70 -16.00 -4.96
N LEU A 385 16.60 -15.49 -5.51
CA LEU A 385 15.47 -16.33 -5.89
C LEU A 385 15.47 -16.45 -7.41
N MET A 386 15.60 -17.67 -7.91
CA MET A 386 15.64 -17.92 -9.34
C MET A 386 14.29 -18.48 -9.79
N ILE A 387 13.68 -17.81 -10.77
CA ILE A 387 12.40 -18.21 -11.34
C ILE A 387 12.58 -18.47 -12.83
N ARG A 388 11.99 -19.57 -13.34
CA ARG A 388 12.13 -19.87 -14.75
C ARG A 388 10.97 -19.40 -15.62
N SER A 389 9.77 -19.22 -15.05
N SER A 389 9.78 -19.20 -15.04
CA SER A 389 8.55 -19.11 -15.83
CA SER A 389 8.55 -19.08 -15.80
C SER A 389 7.76 -17.87 -15.46
C SER A 389 7.83 -17.78 -15.51
N TYR A 390 6.85 -17.48 -16.35
CA TYR A 390 5.87 -16.43 -16.08
C TYR A 390 4.64 -17.10 -15.45
N GLU A 391 4.19 -16.54 -14.33
CA GLU A 391 2.98 -17.01 -13.65
C GLU A 391 2.22 -15.79 -13.15
N LEU A 392 0.92 -15.96 -12.92
CA LEU A 392 0.16 -14.83 -12.37
C LEU A 392 -1.07 -15.32 -11.61
N GLY A 393 -1.30 -14.70 -10.45
CA GLY A 393 -2.46 -15.03 -9.66
C GLY A 393 -2.89 -13.83 -8.84
N VAL A 394 -4.02 -13.98 -8.15
CA VAL A 394 -4.50 -12.91 -7.28
C VAL A 394 -4.77 -13.48 -5.89
N LEU A 395 -4.39 -12.69 -4.88
CA LEU A 395 -4.46 -13.09 -3.49
C LEU A 395 -5.59 -12.34 -2.80
N PHE A 396 -6.47 -13.10 -2.12
CA PHE A 396 -7.56 -12.56 -1.31
C PHE A 396 -7.13 -12.61 0.15
N LEU A 397 -6.93 -11.43 0.75
CA LEU A 397 -6.58 -11.32 2.16
C LEU A 397 -7.72 -10.70 2.95
N PRO A 398 -8.10 -11.26 4.10
CA PRO A 398 -9.20 -10.68 4.88
C PRO A 398 -9.02 -9.21 5.16
N SER A 399 -7.78 -8.76 5.40
CA SER A 399 -7.56 -7.36 5.76
C SER A 399 -7.98 -6.43 4.63
N ALA A 400 -7.88 -6.90 3.38
CA ALA A 400 -8.27 -6.08 2.24
C ALA A 400 -9.78 -5.92 2.13
N PHE A 401 -10.54 -6.67 2.94
CA PHE A 401 -12.00 -6.61 2.97
C PHE A 401 -12.51 -6.18 4.34
N GLY A 402 -11.64 -5.67 5.20
CA GLY A 402 -12.07 -5.24 6.53
C GLY A 402 -12.37 -6.40 7.47
N LEU A 403 -11.74 -7.55 7.24
CA LEU A 403 -12.06 -8.75 8.00
C LEU A 403 -10.80 -9.34 8.62
N ASP A 404 -11.00 -10.15 9.67
CA ASP A 404 -9.88 -10.88 10.25
C ASP A 404 -9.68 -12.25 9.61
N SER A 405 -10.74 -12.86 9.10
CA SER A 405 -10.68 -14.12 8.39
C SER A 405 -11.88 -14.18 7.47
N PHE A 406 -11.86 -15.15 6.55
CA PHE A 406 -13.02 -15.47 5.72
C PHE A 406 -13.68 -16.73 6.23
N LYS A 407 -15.00 -16.70 6.34
N LYS A 407 -14.99 -16.68 6.40
CA LYS A 407 -15.77 -17.93 6.56
CA LYS A 407 -15.73 -17.93 6.53
C LYS A 407 -15.90 -18.67 5.24
C LYS A 407 -15.69 -18.67 5.21
N VAL A 408 -15.72 -20.00 5.27
CA VAL A 408 -15.77 -20.81 4.06
C VAL A 408 -17.23 -21.02 3.68
N LYS A 409 -17.56 -20.72 2.42
CA LYS A 409 -18.91 -20.93 1.94
C LYS A 409 -19.24 -22.42 1.91
N GLN A 410 -20.37 -22.79 2.50
CA GLN A 410 -20.73 -24.20 2.62
C GLN A 410 -21.01 -24.82 1.25
N LYS A 411 -21.85 -24.16 0.45
CA LYS A 411 -22.18 -24.61 -0.89
C LYS A 411 -21.79 -23.52 -1.87
N PHE A 412 -20.91 -23.86 -2.82
CA PHE A 412 -20.27 -22.86 -3.66
C PHE A 412 -21.29 -21.95 -4.35
N PHE A 413 -22.43 -22.50 -4.76
CA PHE A 413 -23.44 -21.75 -5.50
C PHE A 413 -24.66 -21.40 -4.66
N ALA A 414 -24.61 -21.63 -3.34
CA ALA A 414 -25.75 -21.31 -2.48
C ALA A 414 -25.53 -20.00 -1.72
N PRO A 419 -22.17 -13.05 2.97
CA PRO A 419 -21.75 -13.02 1.57
C PRO A 419 -20.45 -12.23 1.37
N MET A 420 -20.37 -11.06 2.01
CA MET A 420 -19.14 -10.29 2.00
C MET A 420 -18.12 -10.82 3.00
N ALA A 421 -18.50 -11.80 3.82
CA ALA A 421 -17.59 -12.43 4.76
C ALA A 421 -17.30 -13.89 4.40
N THR A 422 -17.90 -14.41 3.32
CA THR A 422 -18.01 -15.85 3.08
C THR A 422 -17.34 -16.21 1.75
N PHE A 423 -16.20 -16.90 1.84
CA PHE A 423 -15.45 -17.06 0.59
C PHE A 423 -15.82 -18.34 -0.14
N PRO A 424 -16.01 -18.27 -1.46
CA PRO A 424 -16.42 -19.46 -2.21
C PRO A 424 -15.27 -20.39 -2.55
N VAL A 425 -14.90 -21.27 -1.63
CA VAL A 425 -13.91 -22.32 -1.94
C VAL A 425 -14.54 -23.33 -2.89
N PRO A 426 -13.93 -23.61 -4.05
CA PRO A 426 -14.61 -24.40 -5.08
C PRO A 426 -14.52 -25.92 -4.95
N TYR A 427 -13.81 -26.45 -3.94
CA TYR A 427 -13.75 -27.88 -3.72
C TYR A 427 -13.95 -28.20 -2.24
N ASP A 428 -14.07 -29.48 -1.95
CA ASP A 428 -14.54 -29.96 -0.64
C ASP A 428 -13.44 -29.93 0.40
N LEU A 429 -13.83 -29.56 1.63
CA LEU A 429 -12.96 -29.59 2.78
C LEU A 429 -13.58 -30.45 3.87
N PRO A 430 -12.77 -31.18 4.64
CA PRO A 430 -11.32 -31.37 4.49
C PRO A 430 -10.98 -32.22 3.27
N PRO A 431 -9.80 -32.03 2.68
CA PRO A 431 -9.40 -32.90 1.57
C PRO A 431 -9.21 -34.33 2.04
N GLU A 432 -9.51 -35.27 1.15
CA GLU A 432 -9.45 -36.70 1.46
C GLU A 432 -8.14 -37.30 0.96
N LEU A 433 -7.40 -37.94 1.86
CA LEU A 433 -6.16 -38.60 1.50
C LEU A 433 -6.42 -39.70 0.47
N TYR A 434 -5.45 -39.89 -0.43
CA TYR A 434 -5.47 -41.05 -1.31
C TYR A 434 -5.64 -42.33 -0.48
N GLY A 435 -6.36 -43.30 -1.04
CA GLY A 435 -6.38 -44.62 -0.46
C GLY A 435 -5.13 -45.41 -0.83
N SER A 436 -4.96 -46.56 -0.18
CA SER A 436 -3.74 -47.34 -0.42
C SER A 436 -3.64 -47.81 -1.86
N LYS A 437 -4.76 -47.97 -2.56
CA LYS A 437 -4.74 -48.40 -3.96
C LYS A 437 -4.76 -47.25 -4.93
N ASP A 438 -4.88 -46.01 -4.46
CA ASP A 438 -4.82 -44.87 -5.36
C ASP A 438 -3.40 -44.54 -5.76
N ARG A 439 -3.25 -43.96 -6.95
CA ARG A 439 -1.97 -43.49 -7.47
C ARG A 439 -2.17 -42.10 -8.07
N PRO A 440 -1.13 -41.27 -8.06
CA PRO A 440 -1.26 -39.97 -8.73
C PRO A 440 -1.40 -40.18 -10.23
N TRP A 441 -2.21 -39.33 -10.87
CA TRP A 441 -2.27 -39.36 -12.32
C TRP A 441 -0.89 -39.04 -12.90
N ILE A 442 -0.37 -39.97 -13.70
CA ILE A 442 0.90 -39.82 -14.39
C ILE A 442 0.62 -39.95 -15.87
N TRP A 443 0.93 -38.91 -16.65
CA TRP A 443 0.26 -38.77 -17.94
C TRP A 443 0.87 -39.61 -19.05
N ASN A 444 2.11 -40.08 -18.91
CA ASN A 444 2.78 -40.77 -20.02
C ASN A 444 3.05 -42.25 -19.74
N ILE A 445 2.15 -42.91 -19.00
CA ILE A 445 2.15 -44.36 -18.87
C ILE A 445 0.76 -44.87 -19.19
N PRO A 446 0.62 -46.12 -19.60
CA PRO A 446 -0.71 -46.61 -20.01
C PRO A 446 -1.56 -47.02 -18.82
N TYR A 447 -2.87 -46.94 -19.03
CA TYR A 447 -3.88 -47.42 -18.08
C TYR A 447 -4.85 -48.27 -18.87
N VAL A 448 -4.78 -49.59 -18.67
CA VAL A 448 -5.51 -50.50 -19.55
C VAL A 448 -6.29 -51.52 -18.74
N LYS A 449 -6.47 -51.27 -17.44
CA LYS A 449 -7.15 -52.26 -16.63
C LYS A 449 -8.64 -51.97 -16.45
N ALA A 450 -9.05 -50.70 -16.52
CA ALA A 450 -10.44 -50.34 -16.32
C ALA A 450 -10.77 -49.19 -17.28
N PRO A 451 -11.86 -49.28 -18.04
CA PRO A 451 -12.16 -48.24 -19.02
C PRO A 451 -12.72 -46.99 -18.37
N ASP A 452 -12.64 -45.88 -19.11
CA ASP A 452 -13.10 -44.60 -18.60
C ASP A 452 -14.58 -44.41 -18.96
N THR A 453 -15.09 -43.21 -18.72
CA THR A 453 -16.51 -42.90 -18.93
C THR A 453 -16.93 -42.93 -20.39
N HIS A 454 -15.97 -42.94 -21.31
CA HIS A 454 -16.29 -43.06 -22.74
C HIS A 454 -15.99 -44.45 -23.27
N GLY A 455 -15.65 -45.39 -22.38
CA GLY A 455 -15.37 -46.77 -22.77
C GLY A 455 -13.95 -47.05 -23.24
N ASN A 456 -13.01 -46.14 -23.00
CA ASN A 456 -11.69 -46.28 -23.59
C ASN A 456 -10.60 -46.46 -22.54
N MET A 457 -9.45 -46.96 -23.00
N MET A 457 -9.45 -46.95 -23.00
CA MET A 457 -8.25 -47.06 -22.20
CA MET A 457 -8.25 -47.04 -22.19
C MET A 457 -7.33 -45.87 -22.52
C MET A 457 -7.31 -45.89 -22.55
N TRP A 458 -6.17 -45.82 -21.87
CA TRP A 458 -5.19 -44.76 -22.06
C TRP A 458 -3.88 -45.38 -22.51
N VAL A 459 -3.49 -45.13 -23.76
CA VAL A 459 -2.25 -45.68 -24.32
C VAL A 459 -1.49 -44.55 -24.99
N PRO A 460 -0.65 -43.80 -24.26
CA PRO A 460 0.06 -42.62 -24.77
C PRO A 460 1.25 -42.97 -25.66
N ASN B 15 -7.39 20.92 -5.10
CA ASN B 15 -6.14 21.52 -5.56
C ASN B 15 -5.16 20.56 -6.25
N PRO B 16 -5.10 19.28 -5.84
CA PRO B 16 -5.81 18.47 -4.84
C PRO B 16 -5.05 18.31 -3.54
N PHE B 17 -4.16 19.24 -3.20
CA PHE B 17 -3.28 18.97 -2.07
C PHE B 17 -3.94 19.28 -0.73
N GLN B 18 -4.87 20.24 -0.68
CA GLN B 18 -5.58 20.58 0.56
C GLN B 18 -4.60 20.95 1.66
N PHE B 19 -3.56 21.69 1.27
CA PHE B 19 -2.59 22.25 2.19
C PHE B 19 -2.87 23.74 2.31
N TYR B 20 -3.09 24.20 3.55
CA TYR B 20 -3.50 25.57 3.82
C TYR B 20 -2.58 26.22 4.84
N LEU B 21 -2.53 27.55 4.80
CA LEU B 21 -1.93 28.32 5.87
C LEU B 21 -3.04 28.91 6.76
N THR B 22 -2.70 29.18 8.01
CA THR B 22 -3.64 29.89 8.86
C THR B 22 -3.75 31.36 8.46
N ARG B 23 -4.86 31.98 8.84
CA ARG B 23 -5.07 33.39 8.62
C ARG B 23 -4.09 34.22 9.45
N VAL B 24 -3.57 35.28 8.86
CA VAL B 24 -2.65 36.19 9.52
C VAL B 24 -3.30 37.57 9.60
N SER B 25 -3.51 38.04 10.81
N SER B 25 -3.52 38.05 10.81
CA SER B 25 -4.05 39.39 11.00
CA SER B 25 -4.07 39.39 10.99
C SER B 25 -2.95 40.40 10.70
C SER B 25 -2.99 40.42 10.74
N GLY B 26 -3.31 41.44 9.94
CA GLY B 26 -2.36 42.49 9.67
C GLY B 26 -1.58 42.36 8.38
N VAL B 27 -1.94 41.41 7.52
CA VAL B 27 -1.50 41.43 6.13
C VAL B 27 -2.70 41.76 5.27
N LYS B 28 -2.44 42.19 4.04
CA LYS B 28 -3.52 42.53 3.12
C LYS B 28 -4.40 41.31 2.86
N PRO B 29 -5.71 41.54 2.61
CA PRO B 29 -6.64 40.42 2.44
C PRO B 29 -6.25 39.42 1.36
N LYS B 30 -5.53 39.86 0.31
CA LYS B 30 -5.15 38.93 -0.74
C LYS B 30 -4.27 37.80 -0.19
N TYR B 31 -3.54 38.05 0.89
CA TYR B 31 -2.69 37.03 1.49
C TYR B 31 -3.44 36.15 2.49
N ASN B 32 -4.74 36.38 2.68
CA ASN B 32 -5.58 35.47 3.45
C ASN B 32 -6.65 34.82 2.59
N SER B 33 -6.67 35.12 1.29
CA SER B 33 -7.57 34.47 0.36
C SER B 33 -7.18 33.00 0.25
N GLY B 34 -8.02 32.11 0.77
CA GLY B 34 -7.66 30.72 0.80
C GLY B 34 -6.86 30.29 2.02
N ALA B 35 -6.61 31.18 2.97
CA ALA B 35 -6.14 30.77 4.28
C ALA B 35 -7.32 30.31 5.13
N LEU B 36 -7.04 29.59 6.21
CA LEU B 36 -8.08 29.06 7.08
C LEU B 36 -7.84 29.49 8.52
N HIS B 37 -8.86 30.05 9.14
CA HIS B 37 -8.89 30.26 10.57
C HIS B 37 -9.56 29.06 11.24
N ILE B 38 -9.28 28.88 12.53
CA ILE B 38 -9.88 27.75 13.23
C ILE B 38 -11.41 27.83 13.16
N LYS B 39 -11.97 29.04 13.18
CA LYS B 39 -13.42 29.16 13.07
C LYS B 39 -13.93 28.62 11.73
N ASP B 40 -13.12 28.74 10.67
CA ASP B 40 -13.51 28.18 9.38
C ASP B 40 -13.51 26.66 9.42
N ILE B 41 -12.50 26.07 10.07
CA ILE B 41 -12.39 24.62 10.12
C ILE B 41 -13.58 24.01 10.86
N LEU B 42 -14.05 24.67 11.91
CA LEU B 42 -15.11 24.12 12.75
C LEU B 42 -16.50 24.56 12.33
N SER B 43 -16.60 25.32 11.23
CA SER B 43 -17.87 25.89 10.81
C SER B 43 -18.85 24.81 10.37
N PRO B 44 -20.16 25.05 10.50
N PRO B 44 -20.16 25.05 10.51
CA PRO B 44 -21.15 24.06 10.03
CA PRO B 44 -21.15 24.06 10.03
C PRO B 44 -21.03 23.76 8.55
C PRO B 44 -21.02 23.75 8.55
N LEU B 45 -20.37 24.63 7.78
CA LEU B 45 -20.14 24.35 6.37
C LEU B 45 -19.24 23.14 6.17
N PHE B 46 -18.38 22.85 7.15
CA PHE B 46 -17.50 21.68 7.04
C PHE B 46 -18.19 20.39 7.49
N GLY B 47 -19.35 20.48 8.12
CA GLY B 47 -20.09 19.31 8.55
C GLY B 47 -20.86 19.60 9.83
N THR B 48 -21.84 18.74 10.12
CA THR B 48 -22.69 18.88 11.30
C THR B 48 -22.07 18.09 12.44
N LEU B 49 -21.37 18.80 13.33
CA LEU B 49 -20.49 18.17 14.30
C LEU B 49 -21.26 17.36 15.35
N VAL B 50 -20.75 16.17 15.64
CA VAL B 50 -21.30 15.30 16.69
C VAL B 50 -20.34 15.21 17.87
N SER B 51 -19.04 15.17 17.62
N SER B 51 -19.04 15.18 17.62
CA SER B 51 -18.03 15.12 18.66
CA SER B 51 -18.01 15.01 18.63
C SER B 51 -16.69 15.41 18.01
C SER B 51 -16.66 15.35 18.00
N SER B 52 -15.69 15.71 18.83
CA SER B 52 -14.36 16.01 18.31
C SER B 52 -13.28 15.63 19.31
N ALA B 53 -12.08 15.44 18.77
CA ALA B 53 -10.87 15.22 19.54
C ALA B 53 -9.84 16.26 19.13
N GLN B 54 -9.23 16.90 20.12
CA GLN B 54 -8.20 17.90 19.87
C GLN B 54 -6.89 17.40 20.47
N PHE B 55 -6.00 16.92 19.62
CA PHE B 55 -4.64 16.57 20.02
C PHE B 55 -3.81 17.83 19.96
N ASN B 56 -3.10 18.15 21.04
CA ASN B 56 -2.24 19.32 20.96
C ASN B 56 -1.24 19.31 22.12
N TYR B 57 -0.43 20.37 22.16
CA TYR B 57 0.56 20.59 23.21
C TYR B 57 0.02 21.52 24.29
N CYS B 58 -0.43 22.71 23.93
N CYS B 58 -0.44 22.71 23.90
CA CYS B 58 -1.01 23.55 24.95
CA CYS B 58 -0.92 23.76 24.79
C CYS B 58 -2.33 24.13 24.45
C CYS B 58 -2.34 24.15 24.40
N PHE B 59 -3.19 24.42 25.41
CA PHE B 59 -4.59 24.73 25.20
C PHE B 59 -4.99 25.95 26.02
N ASP B 60 -5.81 26.80 25.42
CA ASP B 60 -6.59 27.81 26.16
C ASP B 60 -8.05 27.36 25.98
N VAL B 61 -8.61 26.74 27.02
CA VAL B 61 -9.89 26.07 26.85
C VAL B 61 -11.02 27.07 26.63
N ASP B 62 -11.02 28.19 27.36
CA ASP B 62 -12.03 29.21 27.13
C ASP B 62 -12.01 29.68 25.69
N TRP B 63 -10.81 29.98 25.18
CA TRP B 63 -10.67 30.42 23.79
C TRP B 63 -11.11 29.32 22.83
N LEU B 64 -10.70 28.07 23.10
CA LEU B 64 -10.97 26.98 22.18
C LEU B 64 -12.47 26.78 22.01
N VAL B 65 -13.22 26.78 23.11
CA VAL B 65 -14.66 26.54 23.02
C VAL B 65 -15.33 27.61 22.18
N LYS B 66 -14.85 28.86 22.28
CA LYS B 66 -15.43 29.95 21.51
C LYS B 66 -15.14 29.84 20.01
N GLN B 67 -14.15 29.02 19.62
CA GLN B 67 -13.88 28.81 18.20
C GLN B 67 -14.88 27.85 17.56
N TYR B 68 -15.57 27.04 18.35
CA TYR B 68 -16.65 26.23 17.82
C TYR B 68 -17.88 27.11 17.57
N PRO B 69 -18.67 26.80 16.55
CA PRO B 69 -19.92 27.51 16.36
C PRO B 69 -20.80 27.38 17.59
N PRO B 70 -21.58 28.41 17.92
CA PRO B 70 -22.41 28.33 19.14
C PRO B 70 -23.24 27.05 19.21
N GLU B 71 -23.79 26.59 18.09
CA GLU B 71 -24.64 25.41 18.08
C GLU B 71 -23.87 24.12 18.37
N PHE B 72 -22.55 24.13 18.24
CA PHE B 72 -21.73 22.95 18.47
C PHE B 72 -20.97 23.00 19.79
N ARG B 73 -21.16 24.05 20.60
CA ARG B 73 -20.24 24.25 21.71
C ARG B 73 -20.44 23.29 22.86
N LYS B 74 -21.55 22.53 22.90
CA LYS B 74 -21.75 21.56 23.97
C LYS B 74 -21.54 20.12 23.50
N LYS B 75 -21.10 19.91 22.26
CA LYS B 75 -20.78 18.55 21.82
C LYS B 75 -19.52 18.06 22.54
N PRO B 76 -19.38 16.75 22.72
CA PRO B 76 -18.21 16.22 23.43
C PRO B 76 -16.90 16.61 22.76
N ILE B 77 -15.96 17.09 23.56
CA ILE B 77 -14.60 17.37 23.12
C ILE B 77 -13.64 16.54 23.98
N LEU B 78 -12.70 15.85 23.34
CA LEU B 78 -11.62 15.16 24.02
C LEU B 78 -10.34 15.96 23.80
N LEU B 79 -9.67 16.36 24.88
CA LEU B 79 -8.37 17.02 24.82
C LEU B 79 -7.28 15.98 25.05
N VAL B 80 -6.42 15.77 24.05
CA VAL B 80 -5.31 14.82 24.16
C VAL B 80 -4.04 15.62 24.34
N HIS B 81 -3.39 15.44 25.49
CA HIS B 81 -2.30 16.31 25.94
C HIS B 81 -1.21 15.45 26.58
N GLY B 82 -0.11 16.10 26.95
CA GLY B 82 0.99 15.38 27.59
C GLY B 82 1.37 15.86 28.99
N ASP B 83 0.56 16.74 29.57
CA ASP B 83 0.92 17.42 30.81
C ASP B 83 0.91 16.48 32.01
N LYS B 84 1.72 16.82 33.02
CA LYS B 84 1.85 16.05 34.24
C LYS B 84 1.74 16.96 35.45
N ARG B 85 1.50 16.34 36.60
CA ARG B 85 1.65 16.95 37.93
C ARG B 85 0.89 18.28 37.96
N GLU B 86 1.51 19.39 38.34
CA GLU B 86 0.81 20.67 38.45
C GLU B 86 0.25 21.11 37.10
N ALA B 87 1.03 20.94 36.02
CA ALA B 87 0.56 21.36 34.70
C ALA B 87 -0.73 20.63 34.32
N LYS B 88 -0.81 19.33 34.64
CA LYS B 88 -2.01 18.57 34.35
C LYS B 88 -3.19 19.06 35.18
N ALA B 89 -2.94 19.43 36.45
CA ALA B 89 -4.00 19.98 37.29
C ALA B 89 -4.57 21.26 36.70
N HIS B 90 -3.70 22.14 36.16
CA HIS B 90 -4.17 23.40 35.60
C HIS B 90 -5.07 23.18 34.39
N LEU B 91 -4.69 22.25 33.50
CA LEU B 91 -5.51 21.98 32.33
C LEU B 91 -6.88 21.44 32.74
N HIS B 92 -6.90 20.50 33.69
CA HIS B 92 -8.17 20.03 34.23
C HIS B 92 -9.00 21.18 34.79
N ALA B 93 -8.37 22.10 35.53
CA ALA B 93 -9.11 23.24 36.06
C ALA B 93 -9.62 24.13 34.94
N GLN B 94 -8.86 24.23 33.85
CA GLN B 94 -9.33 24.96 32.67
C GLN B 94 -10.61 24.34 32.12
N ALA B 95 -10.67 23.01 32.09
CA ALA B 95 -11.76 22.29 31.44
C ALA B 95 -12.96 22.09 32.35
N LYS B 96 -12.77 22.21 33.67
CA LYS B 96 -13.84 21.88 34.62
C LYS B 96 -15.18 22.58 34.34
N PRO B 97 -15.23 23.86 33.95
CA PRO B 97 -16.54 24.49 33.71
C PRO B 97 -17.32 23.89 32.54
N TYR B 98 -16.68 23.17 31.62
CA TYR B 98 -17.35 22.61 30.45
C TYR B 98 -17.51 21.11 30.66
N GLU B 99 -18.73 20.70 31.06
CA GLU B 99 -19.00 19.30 31.37
C GLU B 99 -18.93 18.39 30.16
N ASN B 100 -18.87 18.96 28.96
CA ASN B 100 -18.74 18.18 27.72
C ASN B 100 -17.30 17.88 27.37
N ILE B 101 -16.33 18.38 28.13
CA ILE B 101 -14.92 18.22 27.80
C ILE B 101 -14.32 17.11 28.64
N SER B 102 -13.71 16.14 27.98
CA SER B 102 -12.95 15.06 28.59
C SER B 102 -11.48 15.23 28.23
N LEU B 103 -10.62 14.60 29.03
CA LEU B 103 -9.18 14.73 28.82
C LEU B 103 -8.53 13.35 28.73
N CYS B 104 -7.45 13.29 27.94
CA CYS B 104 -6.62 12.10 27.80
C CYS B 104 -5.16 12.52 27.95
N GLN B 105 -4.51 12.03 29.00
CA GLN B 105 -3.10 12.30 29.23
C GLN B 105 -2.27 11.23 28.53
N ALA B 106 -1.55 11.64 27.47
CA ALA B 106 -0.69 10.72 26.75
C ALA B 106 0.51 10.36 27.60
N LYS B 107 0.82 9.07 27.67
CA LYS B 107 1.91 8.64 28.53
C LYS B 107 3.25 9.07 27.92
N LEU B 108 4.10 9.66 28.75
CA LEU B 108 5.43 10.12 28.35
C LEU B 108 6.43 9.45 29.29
N ASP B 109 6.71 8.17 29.04
CA ASP B 109 7.50 7.36 29.95
C ASP B 109 9.00 7.45 29.70
N ILE B 110 9.43 8.12 28.64
CA ILE B 110 10.84 8.42 28.43
C ILE B 110 11.07 9.87 28.82
N ALA B 111 12.15 10.11 29.57
CA ALA B 111 12.43 11.44 30.10
C ALA B 111 12.52 12.46 28.97
N PHE B 112 12.09 13.69 29.29
CA PHE B 112 12.22 14.85 28.41
C PHE B 112 11.43 14.71 27.10
N GLY B 113 10.33 13.96 27.12
CA GLY B 113 9.44 13.88 25.98
C GLY B 113 8.31 14.89 26.07
N THR B 114 7.73 15.19 24.91
CA THR B 114 6.66 16.15 24.76
C THR B 114 5.56 15.55 23.90
N HIS B 115 4.31 15.89 24.19
CA HIS B 115 3.21 15.56 23.27
C HIS B 115 3.00 16.75 22.36
N HIS B 116 3.67 16.72 21.20
CA HIS B 116 3.67 17.82 20.23
C HIS B 116 2.58 17.70 19.17
N THR B 117 2.08 16.49 18.95
CA THR B 117 1.13 16.22 17.87
C THR B 117 -0.06 17.17 17.91
N LYS B 118 -0.35 17.76 16.74
CA LYS B 118 -1.49 18.67 16.59
C LYS B 118 -2.43 18.11 15.53
N MET B 119 -3.59 17.63 15.99
CA MET B 119 -4.53 16.94 15.11
C MET B 119 -5.93 17.16 15.64
N MET B 120 -6.87 17.37 14.71
CA MET B 120 -8.29 17.37 15.04
C MET B 120 -8.94 16.14 14.43
N LEU B 121 -9.73 15.43 15.22
CA LEU B 121 -10.65 14.42 14.71
C LEU B 121 -12.07 14.98 14.84
N LEU B 122 -12.76 15.12 13.72
CA LEU B 122 -14.06 15.78 13.67
C LEU B 122 -15.10 14.80 13.16
N LEU B 123 -15.97 14.33 14.05
CA LEU B 123 -17.04 13.40 13.70
C LEU B 123 -18.31 14.19 13.40
N TYR B 124 -18.88 13.98 12.21
CA TYR B 124 -20.08 14.65 11.76
C TYR B 124 -21.21 13.65 11.57
N GLU B 125 -22.41 14.19 11.40
CA GLU B 125 -23.53 13.39 10.94
C GLU B 125 -23.28 12.85 9.52
N GLU B 126 -22.50 13.59 8.73
CA GLU B 126 -22.27 13.24 7.34
C GLU B 126 -21.02 12.40 7.14
N GLY B 127 -20.19 12.23 8.16
CA GLY B 127 -18.97 11.45 8.01
C GLY B 127 -17.93 11.87 9.04
N LEU B 128 -16.66 11.83 8.60
CA LEU B 128 -15.53 12.07 9.48
C LEU B 128 -14.50 12.91 8.74
N ARG B 129 -13.83 13.82 9.46
CA ARG B 129 -12.71 14.56 8.90
C ARG B 129 -11.54 14.52 9.87
N VAL B 130 -10.34 14.46 9.30
CA VAL B 130 -9.09 14.49 10.06
C VAL B 130 -8.35 15.74 9.65
N VAL B 131 -7.89 16.52 10.62
CA VAL B 131 -7.10 17.72 10.36
C VAL B 131 -5.75 17.56 11.03
N ILE B 132 -4.68 17.63 10.27
CA ILE B 132 -3.33 17.56 10.83
C ILE B 132 -2.66 18.90 10.56
N HIS B 133 -2.21 19.58 11.62
CA HIS B 133 -1.86 20.99 11.48
C HIS B 133 -0.72 21.31 12.46
N THR B 134 -0.36 22.58 12.60
CA THR B 134 0.82 22.92 13.38
C THR B 134 0.57 23.91 14.52
N SER B 135 -0.68 24.34 14.75
CA SER B 135 -0.96 25.39 15.73
C SER B 135 -1.40 24.85 17.09
N ASN B 136 -0.85 25.43 18.14
CA ASN B 136 -1.41 25.24 19.47
C ASN B 136 -2.80 25.85 19.54
N LEU B 137 -3.58 25.42 20.54
CA LEU B 137 -4.96 25.89 20.63
C LEU B 137 -5.04 27.09 21.58
N ILE B 138 -4.31 28.12 21.19
CA ILE B 138 -4.29 29.41 21.89
C ILE B 138 -4.38 30.51 20.85
N HIS B 139 -4.87 31.68 21.29
CA HIS B 139 -5.09 32.79 20.35
C HIS B 139 -3.83 33.10 19.56
N ALA B 140 -2.69 33.20 20.23
CA ALA B 140 -1.48 33.69 19.57
C ALA B 140 -1.04 32.80 18.41
N ASP B 141 -1.32 31.50 18.47
CA ASP B 141 -0.83 30.63 17.39
C ASP B 141 -1.63 30.78 16.11
N TRP B 142 -2.82 31.37 16.16
CA TRP B 142 -3.63 31.57 14.97
C TRP B 142 -3.71 33.04 14.58
N HIS B 143 -2.90 33.89 15.20
CA HIS B 143 -3.07 35.33 15.01
C HIS B 143 -2.07 35.88 13.97
N GLN B 144 -0.78 35.85 14.28
CA GLN B 144 0.19 36.47 13.37
C GLN B 144 1.36 35.54 13.04
N LYS B 145 1.14 34.23 13.06
CA LYS B 145 2.17 33.26 12.74
C LYS B 145 1.90 32.59 11.41
N THR B 146 2.96 32.06 10.81
CA THR B 146 2.84 31.16 9.67
C THR B 146 2.66 29.75 10.24
N GLN B 147 1.49 29.16 10.01
CA GLN B 147 1.15 27.82 10.45
C GLN B 147 0.60 27.06 9.25
N GLY B 148 0.71 25.72 9.28
CA GLY B 148 0.21 24.89 8.20
C GLY B 148 -0.91 23.94 8.63
N ILE B 149 -1.77 23.62 7.66
CA ILE B 149 -2.95 22.78 7.88
C ILE B 149 -3.07 21.81 6.71
N TRP B 150 -3.28 20.54 7.01
CA TRP B 150 -3.78 19.60 6.01
C TRP B 150 -5.21 19.21 6.36
N LEU B 151 -6.12 19.36 5.41
CA LEU B 151 -7.53 19.00 5.57
C LEU B 151 -7.81 17.70 4.82
N SER B 152 -8.27 16.67 5.54
CA SER B 152 -8.66 15.45 4.88
C SER B 152 -9.96 15.68 4.09
N PRO B 153 -10.28 14.80 3.16
CA PRO B 153 -11.63 14.79 2.59
C PRO B 153 -12.66 14.51 3.68
N LEU B 154 -13.93 14.76 3.34
CA LEU B 154 -15.03 14.24 4.16
C LEU B 154 -15.12 12.73 3.94
N TYR B 155 -14.79 11.97 4.97
CA TYR B 155 -14.82 10.53 4.86
C TYR B 155 -16.23 10.02 5.14
N PRO B 156 -16.87 9.34 4.20
CA PRO B 156 -18.21 8.80 4.47
C PRO B 156 -18.15 7.56 5.32
N ARG B 157 -19.24 7.29 6.03
CA ARG B 157 -19.36 6.07 6.79
C ARG B 157 -19.51 4.88 5.86
N ILE B 158 -18.94 3.75 6.25
CA ILE B 158 -19.19 2.50 5.54
C ILE B 158 -20.55 1.97 5.98
N ALA B 159 -21.37 1.56 5.00
CA ALA B 159 -22.70 1.05 5.27
C ALA B 159 -22.66 -0.09 6.29
N ASP B 160 -23.54 -0.03 7.28
CA ASP B 160 -23.67 -1.13 8.23
C ASP B 160 -24.01 -2.42 7.50
N GLY B 161 -23.38 -3.51 7.91
CA GLY B 161 -23.49 -4.77 7.22
C GLY B 161 -22.59 -4.92 6.01
N THR B 162 -21.89 -3.87 5.59
CA THR B 162 -20.97 -3.92 4.47
C THR B 162 -19.55 -4.13 4.98
N HIS B 163 -18.82 -5.07 4.38
CA HIS B 163 -17.44 -5.36 4.74
C HIS B 163 -16.52 -4.81 3.64
N LYS B 164 -15.80 -3.74 3.96
CA LYS B 164 -14.76 -3.23 3.07
C LYS B 164 -13.67 -2.62 3.93
N SER B 165 -12.49 -2.44 3.36
CA SER B 165 -11.38 -1.95 4.17
C SER B 165 -11.52 -0.46 4.45
N GLY B 166 -12.06 0.29 3.49
CA GLY B 166 -11.99 1.74 3.57
C GLY B 166 -10.57 2.29 3.53
N GLU B 167 -9.62 1.53 3.01
CA GLU B 167 -8.21 1.88 3.06
C GLU B 167 -7.79 2.62 1.79
N SER B 168 -6.81 3.49 1.93
N SER B 168 -6.81 3.49 1.93
CA SER B 168 -6.29 4.30 0.84
CA SER B 168 -6.28 4.30 0.83
C SER B 168 -5.04 3.66 0.24
C SER B 168 -5.04 3.65 0.23
N PRO B 169 -4.63 4.07 -0.96
CA PRO B 169 -3.36 3.54 -1.51
C PRO B 169 -2.16 3.92 -0.67
N THR B 170 -2.28 4.90 0.21
CA THR B 170 -1.17 5.29 1.07
C THR B 170 -1.20 4.62 2.44
N HIS B 171 -2.16 3.71 2.68
CA HIS B 171 -2.31 2.99 3.94
C HIS B 171 -2.66 3.90 5.11
N PHE B 172 -3.23 5.08 4.81
CA PHE B 172 -3.46 6.08 5.83
C PHE B 172 -4.38 5.59 6.94
N LYS B 173 -5.39 4.79 6.61
CA LYS B 173 -6.36 4.39 7.64
C LYS B 173 -5.70 3.51 8.69
N ALA B 174 -5.05 2.44 8.24
CA ALA B 174 -4.34 1.57 9.18
C ALA B 174 -3.23 2.31 9.90
N ASP B 175 -2.53 3.21 9.19
CA ASP B 175 -1.43 3.92 9.83
C ASP B 175 -1.94 4.88 10.90
N LEU B 176 -3.05 5.56 10.64
CA LEU B 176 -3.61 6.45 11.67
C LEU B 176 -4.07 5.64 12.88
N ILE B 177 -4.72 4.50 12.65
CA ILE B 177 -5.12 3.65 13.76
C ILE B 177 -3.89 3.19 14.54
N SER B 178 -2.83 2.80 13.82
N SER B 178 -2.82 2.82 13.82
CA SER B 178 -1.60 2.39 14.49
CA SER B 178 -1.60 2.38 14.50
C SER B 178 -1.03 3.51 15.36
C SER B 178 -1.01 3.50 15.35
N TYR B 179 -1.06 4.73 14.85
CA TYR B 179 -0.57 5.88 15.63
C TYR B 179 -1.39 6.02 16.92
N LEU B 180 -2.71 5.92 16.82
CA LEU B 180 -3.55 6.03 18.01
C LEU B 180 -3.39 4.84 18.94
N MET B 181 -3.11 3.65 18.41
N MET B 181 -3.12 3.65 18.39
CA MET B 181 -2.96 2.48 19.28
CA MET B 181 -2.93 2.47 19.23
C MET B 181 -1.75 2.63 20.19
C MET B 181 -1.76 2.63 20.18
N ALA B 182 -0.73 3.37 19.77
CA ALA B 182 0.46 3.54 20.59
C ALA B 182 0.15 4.24 21.93
N TYR B 183 -0.92 5.03 21.99
CA TYR B 183 -1.28 5.70 23.24
C TYR B 183 -1.76 4.71 24.31
N ASN B 184 -2.36 3.59 23.89
CA ASN B 184 -2.94 2.61 24.82
C ASN B 184 -3.97 3.27 25.74
N ALA B 185 -4.84 4.10 25.15
CA ALA B 185 -5.77 4.92 25.92
C ALA B 185 -7.21 4.55 25.59
N PRO B 186 -8.06 4.33 26.59
CA PRO B 186 -9.45 3.93 26.29
C PRO B 186 -10.23 4.97 25.51
N SER B 187 -10.02 6.27 25.77
CA SER B 187 -10.76 7.28 25.02
C SER B 187 -10.34 7.28 23.55
N LEU B 188 -9.12 6.86 23.24
CA LEU B 188 -8.68 6.81 21.86
C LEU B 188 -9.05 5.50 21.17
N LYS B 189 -9.24 4.42 21.93
CA LYS B 189 -9.81 3.22 21.31
C LYS B 189 -11.20 3.53 20.78
N GLU B 190 -11.94 4.41 21.44
CA GLU B 190 -13.24 4.81 20.92
C GLU B 190 -13.10 5.53 19.59
N TRP B 191 -12.08 6.38 19.45
CA TRP B 191 -11.89 7.05 18.17
C TRP B 191 -11.38 6.10 17.10
N ILE B 192 -10.56 5.12 17.49
CA ILE B 192 -10.16 4.07 16.56
C ILE B 192 -11.38 3.37 15.98
N ASP B 193 -12.35 3.04 16.83
CA ASP B 193 -13.55 2.36 16.35
C ASP B 193 -14.37 3.25 15.44
N VAL B 194 -14.38 4.57 15.69
CA VAL B 194 -15.01 5.51 14.77
C VAL B 194 -14.30 5.48 13.42
N ILE B 195 -12.98 5.50 13.44
CA ILE B 195 -12.22 5.49 12.19
C ILE B 195 -12.50 4.19 11.41
N HIS B 196 -12.58 3.05 12.11
CA HIS B 196 -12.88 1.78 11.45
C HIS B 196 -14.16 1.85 10.64
N LYS B 197 -15.17 2.59 11.15
CA LYS B 197 -16.49 2.70 10.54
C LYS B 197 -16.49 3.56 9.28
N HIS B 198 -15.42 4.27 8.98
CA HIS B 198 -15.43 5.22 7.87
C HIS B 198 -14.52 4.79 6.73
N ASP B 199 -14.79 5.37 5.56
CA ASP B 199 -14.07 5.05 4.33
C ASP B 199 -13.06 6.16 4.08
N LEU B 200 -11.78 5.84 4.28
CA LEU B 200 -10.70 6.81 4.13
C LEU B 200 -9.93 6.62 2.82
N SER B 201 -10.52 5.94 1.85
CA SER B 201 -9.78 5.50 0.67
C SER B 201 -9.34 6.64 -0.23
N GLU B 202 -9.95 7.82 -0.14
CA GLU B 202 -9.53 8.94 -0.98
C GLU B 202 -8.26 9.63 -0.48
N THR B 203 -7.71 9.21 0.65
CA THR B 203 -6.55 9.89 1.23
C THR B 203 -5.31 9.68 0.37
N ASN B 204 -4.68 10.79 -0.02
N ASN B 204 -4.66 10.76 -0.01
CA ASN B 204 -3.52 10.76 -0.91
CA ASN B 204 -3.48 10.62 -0.87
C ASN B 204 -2.21 11.16 -0.23
C ASN B 204 -2.21 11.14 -0.23
N VAL B 205 -2.20 11.33 1.09
CA VAL B 205 -0.98 11.64 1.82
C VAL B 205 -0.59 10.42 2.65
N TYR B 206 0.70 10.34 2.98
CA TYR B 206 1.20 9.32 3.90
C TYR B 206 1.37 9.91 5.30
N LEU B 207 1.00 9.12 6.30
CA LEU B 207 1.15 9.55 7.67
C LEU B 207 2.58 9.29 8.16
N ILE B 208 3.19 10.27 8.83
CA ILE B 208 4.50 10.07 9.44
C ILE B 208 4.39 10.50 10.90
N GLY B 209 4.36 9.53 11.80
CA GLY B 209 4.26 9.88 13.20
C GLY B 209 5.48 9.51 14.00
N SER B 210 5.60 10.10 15.18
CA SER B 210 6.55 9.65 16.19
C SER B 210 5.76 9.34 17.45
N THR B 211 6.21 8.34 18.18
N THR B 211 6.15 8.28 18.14
CA THR B 211 5.63 7.96 19.46
CA THR B 211 5.63 7.97 19.47
C THR B 211 6.77 7.50 20.37
C THR B 211 6.78 7.56 20.37
N PRO B 212 6.66 7.75 21.68
CA PRO B 212 7.78 7.42 22.57
C PRO B 212 8.06 5.93 22.61
N GLY B 213 9.33 5.58 22.58
CA GLY B 213 9.70 4.19 22.71
C GLY B 213 11.12 3.91 22.24
N ARG B 214 11.49 2.64 22.40
N ARG B 214 11.49 2.64 22.41
CA ARG B 214 12.77 2.11 21.93
CA ARG B 214 12.77 2.12 21.92
C ARG B 214 12.44 0.99 20.96
C ARG B 214 12.44 0.98 20.96
N PHE B 215 12.58 1.26 19.67
CA PHE B 215 12.06 0.39 18.62
C PHE B 215 13.17 -0.43 18.00
N GLN B 216 12.93 -1.74 17.88
CA GLN B 216 13.87 -2.71 17.36
C GLN B 216 13.26 -3.40 16.15
N GLY B 217 14.14 -3.97 15.32
CA GLY B 217 13.70 -4.78 14.20
C GLY B 217 12.89 -3.96 13.21
N SER B 218 11.87 -4.61 12.64
CA SER B 218 11.01 -3.94 11.67
C SER B 218 10.30 -2.74 12.27
N GLN B 219 10.06 -2.75 13.58
CA GLN B 219 9.32 -1.67 14.21
C GLN B 219 10.06 -0.34 14.17
N LYS B 220 11.38 -0.35 13.88
CA LYS B 220 12.09 0.90 13.65
C LYS B 220 11.48 1.68 12.50
N ASP B 221 11.02 0.98 11.47
CA ASP B 221 10.46 1.61 10.29
C ASP B 221 9.10 2.25 10.54
N ASN B 222 8.52 2.09 11.73
CA ASN B 222 7.19 2.60 11.96
C ASN B 222 7.15 4.10 12.24
N TRP B 223 8.25 4.68 12.73
CA TRP B 223 8.19 6.00 13.34
C TRP B 223 9.40 6.85 12.96
N GLY B 224 9.23 8.16 13.07
CA GLY B 224 10.37 9.07 13.05
C GLY B 224 11.08 9.09 11.70
N HIS B 225 12.39 9.31 11.74
CA HIS B 225 13.09 9.46 10.47
C HIS B 225 13.29 8.13 9.76
N PHE B 226 13.22 6.99 10.47
CA PHE B 226 13.20 5.71 9.79
C PHE B 226 11.90 5.50 9.02
N ARG B 227 10.78 6.01 9.54
CA ARG B 227 9.51 5.95 8.81
C ARG B 227 9.60 6.77 7.52
N LEU B 228 10.14 7.99 7.61
CA LEU B 228 10.37 8.80 6.41
C LEU B 228 11.25 8.07 5.42
N LYS B 229 12.35 7.49 5.91
CA LYS B 229 13.26 6.77 5.03
C LYS B 229 12.56 5.62 4.31
N LYS B 230 11.76 4.84 5.04
CA LYS B 230 11.07 3.70 4.44
C LYS B 230 10.12 4.16 3.34
N LEU B 231 9.33 5.21 3.61
CA LEU B 231 8.41 5.74 2.60
C LEU B 231 9.16 6.23 1.36
N LEU B 232 10.27 6.93 1.56
CA LEU B 232 11.04 7.43 0.42
C LEU B 232 11.68 6.29 -0.36
N LYS B 233 12.12 5.24 0.34
CA LYS B 233 12.64 4.07 -0.36
C LYS B 233 11.55 3.39 -1.18
N ASP B 234 10.36 3.23 -0.61
CA ASP B 234 9.32 2.41 -1.22
C ASP B 234 8.48 3.14 -2.26
N HIS B 235 8.36 4.46 -2.18
CA HIS B 235 7.36 5.20 -2.95
C HIS B 235 7.92 6.42 -3.67
N ALA B 236 9.22 6.64 -3.62
CA ALA B 236 9.89 7.64 -4.43
C ALA B 236 10.94 6.94 -5.27
N SER B 237 11.33 7.58 -6.36
CA SER B 237 12.37 7.04 -7.21
C SER B 237 13.51 8.04 -7.29
N SER B 238 14.73 7.52 -7.42
CA SER B 238 15.90 8.39 -7.52
C SER B 238 16.05 8.85 -8.96
N MET B 239 16.49 10.08 -9.13
CA MET B 239 16.70 10.69 -10.43
C MET B 239 18.19 10.80 -10.71
N PRO B 240 18.58 11.04 -11.96
CA PRO B 240 19.98 11.37 -12.22
C PRO B 240 20.32 12.69 -11.53
N ASN B 241 21.58 12.82 -11.12
CA ASN B 241 22.07 14.01 -10.45
C ASN B 241 21.37 14.23 -9.11
N ALA B 242 20.98 13.13 -8.44
CA ALA B 242 20.22 13.26 -7.20
C ALA B 242 21.03 13.94 -6.11
N GLU B 243 22.36 13.76 -6.11
CA GLU B 243 23.22 14.41 -5.12
C GLU B 243 23.18 15.93 -5.23
N SER B 244 22.59 16.48 -6.28
CA SER B 244 22.47 17.93 -6.44
C SER B 244 21.14 18.48 -5.96
N TRP B 245 20.16 17.61 -5.68
CA TRP B 245 18.86 18.02 -5.16
C TRP B 245 19.01 18.27 -3.67
N PRO B 246 18.88 19.51 -3.21
CA PRO B 246 19.09 19.80 -1.78
C PRO B 246 18.01 19.19 -0.91
N VAL B 247 18.30 19.19 0.39
CA VAL B 247 17.32 18.93 1.44
C VAL B 247 17.06 20.24 2.16
N VAL B 248 15.79 20.56 2.39
CA VAL B 248 15.41 21.76 3.14
C VAL B 248 14.64 21.34 4.38
N GLY B 249 15.03 21.86 5.53
CA GLY B 249 14.31 21.64 6.77
C GLY B 249 14.01 22.98 7.40
N GLN B 250 12.83 23.09 7.99
CA GLN B 250 12.30 24.38 8.42
C GLN B 250 11.48 24.15 9.69
N PHE B 251 11.79 24.84 10.79
CA PHE B 251 11.31 24.42 12.10
C PHE B 251 11.27 25.63 13.03
N SER B 252 10.62 25.44 14.18
CA SER B 252 10.52 26.51 15.17
C SER B 252 11.31 26.25 16.43
N SER B 253 12.00 25.11 16.53
CA SER B 253 12.71 24.77 17.74
C SER B 253 13.89 23.89 17.38
N VAL B 254 14.93 23.94 18.20
CA VAL B 254 16.19 23.25 17.94
C VAL B 254 16.63 22.52 19.20
N GLY B 255 16.85 21.20 19.09
CA GLY B 255 17.37 20.42 20.19
C GLY B 255 18.89 20.29 20.17
N SER B 256 19.40 19.57 21.17
N SER B 256 19.40 19.59 21.18
CA SER B 256 20.84 19.32 21.28
CA SER B 256 20.83 19.29 21.27
C SER B 256 21.23 18.22 20.28
C SER B 256 21.20 18.23 20.25
N LEU B 257 22.02 18.58 19.26
CA LEU B 257 22.36 17.68 18.17
C LEU B 257 23.72 17.01 18.31
N GLY B 258 24.53 17.42 19.27
CA GLY B 258 25.85 16.85 19.46
C GLY B 258 26.96 17.83 19.14
N ALA B 259 28.19 17.37 19.33
CA ALA B 259 29.37 18.23 19.24
C ALA B 259 29.77 18.57 17.82
N ASP B 260 29.32 17.81 16.82
CA ASP B 260 29.56 18.16 15.42
C ASP B 260 28.47 17.51 14.59
N GLU B 261 28.47 17.81 13.29
CA GLU B 261 27.39 17.38 12.41
C GLU B 261 27.39 15.86 12.21
N SER B 262 28.49 15.18 12.51
CA SER B 262 28.54 13.73 12.30
C SER B 262 27.89 12.94 13.42
N LYS B 263 27.57 13.58 14.55
CA LYS B 263 26.96 12.84 15.66
C LYS B 263 25.55 12.39 15.32
N TRP B 264 24.81 13.18 14.53
CA TRP B 264 23.42 12.85 14.25
C TRP B 264 22.88 13.55 13.01
N LEU B 265 23.15 14.85 12.88
CA LEU B 265 22.49 15.67 11.86
C LEU B 265 22.80 15.15 10.45
N CYS B 266 24.07 15.06 10.11
CA CYS B 266 24.49 14.65 8.77
C CYS B 266 24.79 13.17 8.68
N SER B 267 24.72 12.44 9.79
CA SER B 267 24.99 11.00 9.75
C SER B 267 23.69 10.24 9.54
N GLU B 268 22.78 10.28 10.53
CA GLU B 268 21.56 9.51 10.39
C GLU B 268 20.35 10.34 9.97
N PHE B 269 20.22 11.58 10.44
CA PHE B 269 19.08 12.40 10.04
C PHE B 269 19.12 12.70 8.54
N LYS B 270 20.22 13.30 8.08
CA LYS B 270 20.34 13.66 6.67
C LYS B 270 20.27 12.42 5.78
N GLU B 271 20.86 11.30 6.24
CA GLU B 271 20.84 10.08 5.44
C GLU B 271 19.42 9.62 5.16
N SER B 272 18.54 9.70 6.16
CA SER B 272 17.13 9.35 5.93
C SER B 272 16.50 10.35 4.96
N MET B 273 16.78 11.64 5.14
CA MET B 273 16.15 12.67 4.34
C MET B 273 16.59 12.63 2.87
N LEU B 274 17.79 12.11 2.60
N LEU B 274 17.77 12.09 2.58
CA LEU B 274 18.29 12.00 1.22
CA LEU B 274 18.21 12.06 1.18
C LEU B 274 17.67 10.85 0.46
C LEU B 274 17.88 10.74 0.50
N THR B 275 17.14 9.86 1.18
CA THR B 275 16.75 8.60 0.57
C THR B 275 15.77 8.82 -0.59
N LEU B 276 16.02 8.13 -1.69
CA LEU B 276 15.08 8.09 -2.82
C LEU B 276 15.22 6.72 -3.46
N GLY B 277 14.15 5.94 -3.46
CA GLY B 277 14.17 4.66 -4.13
C GLY B 277 14.90 3.58 -3.34
N LYS B 278 14.94 2.38 -3.93
CA LYS B 278 15.38 1.19 -3.21
C LYS B 278 16.79 0.74 -3.56
N GLU B 279 17.50 1.44 -4.43
CA GLU B 279 18.85 1.05 -4.80
C GLU B 279 19.86 1.94 -4.08
N SER B 280 20.87 1.32 -3.49
CA SER B 280 21.89 2.04 -2.73
C SER B 280 22.79 2.87 -3.63
N SER B 286 28.51 12.31 2.03
CA SER B 286 27.36 12.82 1.29
C SER B 286 27.51 14.30 0.96
N SER B 287 27.37 14.64 -0.33
CA SER B 287 27.55 16.00 -0.80
C SER B 287 26.24 16.75 -1.02
N VAL B 288 25.12 16.18 -0.60
CA VAL B 288 23.82 16.84 -0.82
C VAL B 288 23.76 18.12 0.01
N PRO B 289 23.39 19.26 -0.59
CA PRO B 289 23.27 20.49 0.20
C PRO B 289 22.12 20.41 1.19
N LEU B 290 22.35 20.94 2.38
CA LEU B 290 21.35 20.95 3.44
C LEU B 290 21.09 22.40 3.85
N TYR B 291 19.85 22.84 3.68
CA TYR B 291 19.40 24.18 4.04
C TYR B 291 18.47 24.07 5.24
N LEU B 292 18.82 24.73 6.35
CA LEU B 292 17.96 24.77 7.53
C LEU B 292 17.43 26.18 7.67
N ILE B 293 16.11 26.33 7.72
CA ILE B 293 15.47 27.63 7.81
C ILE B 293 14.98 27.84 9.24
N TYR B 294 15.49 28.87 9.89
CA TYR B 294 15.14 29.17 11.27
C TYR B 294 15.29 30.68 11.47
N PRO B 295 14.32 31.34 12.10
CA PRO B 295 14.36 32.82 12.19
C PRO B 295 15.61 33.35 12.87
N SER B 296 16.18 34.37 12.26
CA SER B 296 17.23 35.15 12.87
C SER B 296 16.65 36.07 13.93
N VAL B 297 17.53 36.63 14.75
CA VAL B 297 17.10 37.65 15.70
C VAL B 297 16.41 38.78 14.96
N GLU B 298 16.97 39.22 13.83
N GLU B 298 16.99 39.23 13.84
CA GLU B 298 16.39 40.32 13.09
CA GLU B 298 16.39 40.32 13.09
C GLU B 298 15.03 39.96 12.49
C GLU B 298 15.02 39.95 12.54
N ASN B 299 14.86 38.71 12.05
CA ASN B 299 13.54 38.27 11.60
C ASN B 299 12.50 38.45 12.70
N VAL B 300 12.83 38.02 13.92
CA VAL B 300 11.92 38.12 15.06
C VAL B 300 11.70 39.58 15.44
N ARG B 301 12.78 40.36 15.49
CA ARG B 301 12.66 41.74 15.97
C ARG B 301 11.68 42.54 15.12
N THR B 302 11.71 42.36 13.80
CA THR B 302 10.87 43.18 12.92
C THR B 302 9.60 42.46 12.48
N SER B 303 9.24 41.37 13.15
CA SER B 303 8.05 40.62 12.80
C SER B 303 6.78 41.38 13.22
N LEU B 304 5.63 40.87 12.76
CA LEU B 304 4.34 41.45 13.14
C LEU B 304 4.18 41.48 14.65
N GLU B 305 4.66 40.44 15.33
CA GLU B 305 4.55 40.35 16.79
C GLU B 305 5.69 41.04 17.52
N GLY B 306 6.82 41.26 16.86
CA GLY B 306 8.02 41.68 17.56
C GLY B 306 8.65 40.55 18.36
N TYR B 307 9.42 40.92 19.37
CA TYR B 307 10.14 39.93 20.17
C TYR B 307 9.24 38.85 20.76
N PRO B 308 8.00 39.12 21.16
CA PRO B 308 7.15 38.05 21.68
C PRO B 308 6.95 36.88 20.73
N ALA B 309 7.14 37.06 19.41
CA ALA B 309 7.12 35.89 18.53
C ALA B 309 8.16 34.87 18.97
N GLY B 310 9.25 35.35 19.57
CA GLY B 310 10.30 34.49 20.05
C GLY B 310 9.94 33.63 21.25
N GLY B 311 8.84 33.95 21.93
CA GLY B 311 8.34 33.06 22.96
C GLY B 311 7.83 31.73 22.40
N SER B 312 7.59 31.68 21.09
CA SER B 312 7.21 30.45 20.41
C SER B 312 8.31 29.93 19.48
N LEU B 313 9.56 30.35 19.69
CA LEU B 313 10.72 29.83 18.98
C LEU B 313 11.71 29.35 20.02
N PRO B 314 11.45 28.18 20.64
CA PRO B 314 12.26 27.77 21.79
C PRO B 314 13.60 27.16 21.40
N TYR B 315 14.65 27.95 21.58
CA TYR B 315 16.03 27.52 21.35
C TYR B 315 16.82 28.16 22.49
N SER B 316 17.32 27.33 23.41
CA SER B 316 17.97 27.86 24.60
C SER B 316 19.45 28.13 24.34
N ILE B 317 19.98 29.13 25.06
CA ILE B 317 21.40 29.43 24.96
C ILE B 317 22.24 28.25 25.45
N GLN B 318 21.71 27.49 26.41
CA GLN B 318 22.42 26.32 26.90
C GLN B 318 22.61 25.29 25.78
N THR B 319 21.58 25.08 24.97
CA THR B 319 21.71 24.18 23.83
C THR B 319 22.59 24.79 22.73
N ALA B 320 22.34 26.06 22.40
CA ALA B 320 23.00 26.68 21.26
C ALA B 320 24.51 26.76 21.44
N GLU B 321 24.97 27.03 22.66
CA GLU B 321 26.40 27.26 22.86
C GLU B 321 27.22 25.98 22.68
N LYS B 322 26.61 24.81 22.77
CA LYS B 322 27.30 23.55 22.56
C LYS B 322 27.41 23.16 21.09
N GLN B 323 26.82 23.93 20.18
CA GLN B 323 26.69 23.48 18.81
C GLN B 323 26.67 24.68 17.86
N ASN B 324 27.61 25.60 18.03
CA ASN B 324 27.67 26.73 17.11
C ASN B 324 28.02 26.29 15.68
N TRP B 325 28.60 25.09 15.51
CA TRP B 325 28.80 24.54 14.18
C TRP B 325 27.50 24.50 13.37
N LEU B 326 26.37 24.28 14.05
CA LEU B 326 25.09 24.11 13.38
C LEU B 326 24.65 25.37 12.65
N HIS B 327 24.98 26.54 13.19
CA HIS B 327 24.41 27.78 12.69
C HIS B 327 24.95 28.17 11.33
N SER B 328 26.04 27.56 10.86
N SER B 328 26.04 27.56 10.86
CA SER B 328 26.49 27.77 9.49
CA SER B 328 26.50 27.75 9.50
C SER B 328 25.52 27.17 8.47
C SER B 328 25.54 27.16 8.47
N TYR B 329 24.58 26.34 8.90
CA TYR B 329 23.55 25.80 8.03
C TYR B 329 22.29 26.67 7.97
N PHE B 330 22.22 27.72 8.78
CA PHE B 330 20.96 28.42 9.02
C PHE B 330 20.69 29.48 7.97
N HIS B 331 19.43 29.55 7.55
CA HIS B 331 18.94 30.46 6.53
C HIS B 331 17.77 31.25 7.09
N LYS B 332 17.64 32.50 6.66
CA LYS B 332 16.59 33.39 7.17
C LYS B 332 15.20 32.89 6.81
N TRP B 333 14.23 33.30 7.62
CA TRP B 333 12.83 33.15 7.22
C TRP B 333 12.47 34.24 6.22
N SER B 334 11.93 33.84 5.07
CA SER B 334 11.46 34.79 4.07
C SER B 334 10.27 34.13 3.37
N ALA B 335 9.16 34.85 3.25
CA ALA B 335 7.96 34.25 2.71
C ALA B 335 7.18 35.29 1.91
N GLU B 336 7.89 36.04 1.04
CA GLU B 336 7.23 36.98 0.15
C GLU B 336 6.15 36.28 -0.67
N THR B 337 6.39 35.03 -1.06
CA THR B 337 5.45 34.30 -1.89
C THR B 337 4.05 34.26 -1.28
N SER B 338 3.94 34.24 0.07
CA SER B 338 2.66 34.19 0.74
C SER B 338 2.43 35.41 1.62
N GLY B 339 3.21 36.47 1.41
CA GLY B 339 3.03 37.69 2.16
C GLY B 339 3.33 37.55 3.63
N ARG B 340 4.17 36.58 4.01
CA ARG B 340 4.30 36.19 5.40
C ARG B 340 5.74 36.31 5.93
N SER B 341 6.57 37.14 5.30
CA SER B 341 7.93 37.31 5.80
C SER B 341 7.96 37.82 7.23
N ASN B 342 6.93 38.56 7.63
CA ASN B 342 6.86 39.09 8.99
C ASN B 342 5.97 38.25 9.92
N ALA B 343 5.43 37.13 9.44
CA ALA B 343 4.62 36.24 10.26
C ALA B 343 5.53 35.08 10.66
N MET B 344 6.04 35.10 11.88
CA MET B 344 7.06 34.14 12.25
C MET B 344 6.55 32.70 12.13
N PRO B 345 7.43 31.77 11.72
CA PRO B 345 6.97 30.39 11.47
C PRO B 345 6.80 29.59 12.75
N HIS B 346 5.65 28.95 12.87
CA HIS B 346 5.47 27.85 13.80
C HIS B 346 5.13 26.57 13.05
N ILE B 347 4.91 26.68 11.75
CA ILE B 347 4.90 25.51 10.88
C ILE B 347 6.27 24.82 10.91
N LYS B 348 6.28 23.51 10.65
CA LYS B 348 7.51 22.76 10.41
C LYS B 348 7.35 22.06 9.08
N THR B 349 8.34 22.20 8.21
CA THR B 349 8.28 21.57 6.89
C THR B 349 9.64 21.02 6.50
N TYR B 350 9.62 19.96 5.68
CA TYR B 350 10.84 19.35 5.16
C TYR B 350 10.54 18.99 3.72
N MET B 351 11.51 19.20 2.81
CA MET B 351 11.24 18.93 1.41
C MET B 351 12.55 18.74 0.66
N ARG B 352 12.42 18.29 -0.59
CA ARG B 352 13.57 17.91 -1.42
C ARG B 352 13.46 18.61 -2.78
N PRO B 353 13.90 19.86 -2.87
CA PRO B 353 13.81 20.59 -4.15
C PRO B 353 14.85 20.15 -5.17
N SER B 354 14.60 20.53 -6.43
CA SER B 354 15.57 20.34 -7.50
C SER B 354 16.69 21.37 -7.37
N PRO B 355 17.78 21.22 -8.13
CA PRO B 355 18.91 22.16 -7.97
C PRO B 355 18.54 23.62 -8.23
N ASP B 356 17.57 23.88 -9.11
CA ASP B 356 17.13 25.25 -9.34
C ASP B 356 15.86 25.61 -8.56
N PHE B 357 15.44 24.75 -7.63
CA PHE B 357 14.31 24.97 -6.74
C PHE B 357 12.98 25.14 -7.48
N SER B 358 12.91 24.66 -8.71
CA SER B 358 11.69 24.77 -9.49
C SER B 358 10.78 23.57 -9.32
N LYS B 359 11.30 22.47 -8.79
CA LYS B 359 10.52 21.26 -8.55
C LYS B 359 10.86 20.74 -7.17
N ILE B 360 9.98 19.88 -6.63
CA ILE B 360 10.30 19.16 -5.40
C ILE B 360 9.97 17.69 -5.58
N ALA B 361 10.78 16.83 -4.95
CA ALA B 361 10.56 15.39 -5.00
C ALA B 361 9.57 14.91 -3.94
N TRP B 362 9.32 15.72 -2.91
CA TRP B 362 8.36 15.44 -1.85
C TRP B 362 8.29 16.64 -0.92
N PHE B 363 7.22 16.68 -0.13
CA PHE B 363 6.98 17.75 0.83
C PHE B 363 6.33 17.15 2.06
N LEU B 364 6.83 17.53 3.24
CA LEU B 364 6.29 17.08 4.53
C LEU B 364 5.93 18.28 5.38
N VAL B 365 4.71 18.30 5.92
CA VAL B 365 4.34 19.25 6.97
C VAL B 365 4.11 18.46 8.24
N THR B 366 4.65 18.95 9.37
CA THR B 366 4.69 18.12 10.56
C THR B 366 4.79 19.01 11.79
N SER B 367 4.66 18.37 12.94
CA SER B 367 4.96 18.96 14.23
C SER B 367 6.44 18.84 14.61
N ALA B 368 7.21 18.01 13.90
CA ALA B 368 8.56 17.62 14.33
C ALA B 368 9.57 18.72 14.07
N ASN B 369 10.19 19.21 15.15
CA ASN B 369 11.27 20.19 15.09
C ASN B 369 12.60 19.50 14.81
N LEU B 370 13.68 20.27 14.80
CA LEU B 370 15.01 19.76 14.52
C LEU B 370 15.60 19.23 15.83
N SER B 371 15.19 18.03 16.20
CA SER B 371 15.67 17.44 17.44
C SER B 371 15.63 15.93 17.36
N LYS B 372 16.56 15.29 18.10
CA LYS B 372 16.55 13.84 18.26
C LYS B 372 15.31 13.35 19.00
N ALA B 373 14.76 14.16 19.91
CA ALA B 373 13.56 13.75 20.62
C ALA B 373 12.38 13.55 19.68
N ALA B 374 12.29 14.37 18.63
CA ALA B 374 11.18 14.33 17.69
C ALA B 374 11.36 13.27 16.61
N TRP B 375 12.57 13.12 16.09
CA TRP B 375 12.82 12.30 14.92
C TRP B 375 13.38 10.93 15.26
N GLY B 376 13.94 10.77 16.44
CA GLY B 376 14.55 9.52 16.85
C GLY B 376 16.06 9.55 16.72
N ALA B 377 16.72 8.84 17.63
CA ALA B 377 18.17 8.68 17.60
C ALA B 377 18.50 7.21 17.80
N LEU B 378 19.43 6.70 16.98
CA LEU B 378 19.82 5.31 17.07
C LEU B 378 20.61 5.04 18.35
N GLU B 379 20.35 3.89 18.97
CA GLU B 379 21.04 3.41 20.16
C GLU B 379 21.40 1.95 19.96
N LYS B 380 22.26 1.44 20.85
CA LYS B 380 22.67 0.04 20.85
C LYS B 380 23.24 -0.37 19.50
N ASN B 381 24.24 0.39 19.05
CA ASN B 381 24.97 0.13 17.81
C ASN B 381 24.02 -0.03 16.63
N GLY B 382 23.20 1.01 16.41
CA GLY B 382 22.35 1.09 15.25
C GLY B 382 21.16 0.15 15.24
N THR B 383 20.94 -0.63 16.31
CA THR B 383 19.86 -1.61 16.32
C THR B 383 18.56 -1.05 16.88
N GLN B 384 18.61 0.05 17.62
CA GLN B 384 17.47 0.56 18.38
C GLN B 384 17.27 2.03 18.07
N LEU B 385 16.06 2.41 17.66
CA LEU B 385 15.70 3.81 17.45
C LEU B 385 14.89 4.30 18.64
N MET B 386 15.42 5.27 19.37
CA MET B 386 14.77 5.79 20.57
C MET B 386 14.13 7.14 20.25
N ILE B 387 12.83 7.24 20.53
CA ILE B 387 12.05 8.46 20.34
C ILE B 387 11.46 8.87 21.68
N ARG B 388 11.48 10.17 21.97
CA ARG B 388 10.98 10.67 23.24
C ARG B 388 9.57 11.24 23.17
N SER B 389 9.13 11.69 22.01
N SER B 389 9.13 11.69 22.00
CA SER B 389 7.95 12.54 21.91
CA SER B 389 7.96 12.55 21.90
C SER B 389 6.92 11.99 20.93
C SER B 389 6.91 11.95 20.97
N TYR B 390 5.70 12.51 21.03
CA TYR B 390 4.66 12.30 20.04
C TYR B 390 4.75 13.40 19.01
N GLU B 391 4.84 13.03 17.73
CA GLU B 391 4.83 13.97 16.62
C GLU B 391 3.93 13.41 15.53
N LEU B 392 3.45 14.29 14.65
CA LEU B 392 2.62 13.82 13.53
C LEU B 392 2.70 14.79 12.36
N GLY B 393 2.83 14.23 11.16
CA GLY B 393 2.83 15.02 9.95
C GLY B 393 2.30 14.19 8.79
N VAL B 394 2.15 14.85 7.63
CA VAL B 394 1.70 14.16 6.43
C VAL B 394 2.68 14.44 5.32
N LEU B 395 2.96 13.42 4.52
CA LEU B 395 3.95 13.46 3.46
C LEU B 395 3.25 13.45 2.11
N PHE B 396 3.61 14.41 1.26
CA PHE B 396 3.13 14.50 -0.11
C PHE B 396 4.20 13.93 -1.04
N LEU B 397 3.87 12.83 -1.72
CA LEU B 397 4.77 12.19 -2.65
C LEU B 397 4.19 12.28 -4.05
N PRO B 398 4.98 12.66 -5.06
CA PRO B 398 4.43 12.75 -6.42
C PRO B 398 3.74 11.48 -6.89
N SER B 399 4.30 10.31 -6.54
CA SER B 399 3.71 9.05 -6.98
C SER B 399 2.28 8.88 -6.49
N ALA B 400 1.93 9.45 -5.35
CA ALA B 400 0.58 9.37 -4.81
C ALA B 400 -0.40 10.23 -5.58
N PHE B 401 0.10 11.05 -6.51
CA PHE B 401 -0.73 11.92 -7.34
C PHE B 401 -0.55 11.62 -8.81
N GLY B 402 0.12 10.52 -9.15
CA GLY B 402 0.35 10.16 -10.53
C GLY B 402 1.38 11.02 -11.21
N LEU B 403 2.36 11.52 -10.46
CA LEU B 403 3.36 12.44 -10.96
C LEU B 403 4.76 11.95 -10.61
N ASP B 404 5.75 12.46 -11.35
CA ASP B 404 7.14 12.16 -11.04
C ASP B 404 7.76 13.20 -10.11
N SER B 405 7.28 14.45 -10.18
CA SER B 405 7.69 15.49 -9.26
C SER B 405 6.55 16.50 -9.15
N PHE B 406 6.66 17.41 -8.21
CA PHE B 406 5.76 18.54 -8.10
C PHE B 406 6.48 19.79 -8.62
N LYS B 407 5.78 20.58 -9.42
N LYS B 407 5.80 20.56 -9.45
CA LYS B 407 6.25 21.92 -9.74
CA LYS B 407 6.25 21.91 -9.73
C LYS B 407 5.97 22.86 -8.58
C LYS B 407 6.03 22.78 -8.49
N VAL B 408 6.94 23.72 -8.27
CA VAL B 408 6.80 24.64 -7.13
C VAL B 408 5.93 25.82 -7.57
N LYS B 409 4.84 26.04 -6.84
CA LYS B 409 3.96 27.17 -7.10
C LYS B 409 4.73 28.46 -6.93
N GLN B 410 4.73 29.29 -7.98
CA GLN B 410 5.60 30.45 -7.96
C GLN B 410 5.13 31.48 -6.94
N LYS B 411 3.83 31.81 -6.94
CA LYS B 411 3.22 32.66 -5.93
C LYS B 411 2.14 31.86 -5.22
N PHE B 412 2.26 31.77 -3.89
CA PHE B 412 1.48 30.81 -3.10
C PHE B 412 -0.02 30.95 -3.32
N PHE B 413 -0.52 32.19 -3.47
CA PHE B 413 -1.95 32.44 -3.59
C PHE B 413 -2.39 32.71 -5.02
N ALA B 414 -1.48 32.66 -6.00
CA ALA B 414 -1.83 32.97 -7.38
C ALA B 414 -2.12 31.70 -8.19
N PRO B 419 -1.98 23.08 -11.67
CA PRO B 419 -2.68 23.17 -10.37
C PRO B 419 -2.61 21.84 -9.63
N MET B 420 -3.04 20.78 -10.31
CA MET B 420 -2.87 19.44 -9.78
C MET B 420 -1.43 18.97 -9.82
N ALA B 421 -0.55 19.70 -10.48
CA ALA B 421 0.86 19.34 -10.58
C ALA B 421 1.77 20.29 -9.81
N THR B 422 1.20 21.29 -9.13
CA THR B 422 1.92 22.46 -8.66
C THR B 422 1.75 22.62 -7.15
N PHE B 423 2.83 22.41 -6.38
CA PHE B 423 2.64 22.38 -4.94
C PHE B 423 2.83 23.76 -4.32
N PRO B 424 1.95 24.15 -3.40
CA PRO B 424 2.05 25.50 -2.80
C PRO B 424 3.04 25.54 -1.64
N VAL B 425 4.31 25.72 -1.98
CA VAL B 425 5.37 25.91 -0.99
C VAL B 425 5.18 27.28 -0.34
N PRO B 426 5.06 27.36 0.98
CA PRO B 426 4.62 28.61 1.61
C PRO B 426 5.70 29.65 1.90
N TYR B 427 6.98 29.36 1.61
CA TYR B 427 8.04 30.33 1.81
C TYR B 427 8.96 30.35 0.59
N ASP B 428 9.90 31.30 0.59
CA ASP B 428 10.67 31.63 -0.60
C ASP B 428 11.80 30.66 -0.84
N LEU B 429 12.07 30.38 -2.11
CA LEU B 429 13.18 29.57 -2.56
C LEU B 429 13.96 30.35 -3.62
N PRO B 430 15.30 30.22 -3.64
CA PRO B 430 16.12 29.49 -2.67
C PRO B 430 16.12 30.19 -1.33
N PRO B 431 16.37 29.46 -0.25
CA PRO B 431 16.51 30.10 1.06
C PRO B 431 17.77 30.94 1.07
N GLU B 432 17.74 32.00 1.89
CA GLU B 432 18.81 32.98 1.95
C GLU B 432 19.65 32.75 3.21
N LEU B 433 20.94 32.57 3.03
CA LEU B 433 21.85 32.32 4.15
C LEU B 433 21.87 33.52 5.09
N TYR B 434 22.01 33.24 6.38
CA TYR B 434 22.28 34.28 7.37
C TYR B 434 23.43 35.18 6.91
N GLY B 435 23.32 36.47 7.20
CA GLY B 435 24.44 37.37 7.04
C GLY B 435 25.44 37.21 8.16
N SER B 436 26.61 37.83 7.98
CA SER B 436 27.70 37.68 8.95
C SER B 436 27.31 38.19 10.34
N LYS B 437 26.45 39.20 10.40
CA LYS B 437 26.01 39.74 11.69
C LYS B 437 24.73 39.08 12.20
N ASP B 438 24.14 38.19 11.42
CA ASP B 438 22.92 37.53 11.87
C ASP B 438 23.21 36.48 12.93
N ARG B 439 22.24 36.24 13.80
CA ARG B 439 22.32 35.23 14.84
C ARG B 439 21.00 34.50 14.90
N PRO B 440 21.01 33.21 15.23
CA PRO B 440 19.73 32.50 15.41
C PRO B 440 18.96 33.11 16.58
N TRP B 441 17.64 33.12 16.46
CA TRP B 441 16.85 33.50 17.62
C TRP B 441 17.10 32.53 18.76
N ILE B 442 17.50 33.06 19.91
CA ILE B 442 17.71 32.29 21.13
C ILE B 442 16.79 32.91 22.18
N TRP B 443 15.88 32.10 22.71
CA TRP B 443 14.72 32.69 23.36
C TRP B 443 14.96 33.13 24.79
N ASN B 444 16.02 32.66 25.45
CA ASN B 444 16.20 32.92 26.88
C ASN B 444 17.43 33.77 27.18
N ILE B 445 17.80 34.66 26.27
CA ILE B 445 18.77 35.73 26.53
C ILE B 445 18.11 37.06 26.18
N PRO B 446 18.52 38.17 26.79
CA PRO B 446 17.86 39.44 26.53
C PRO B 446 18.33 40.09 25.23
N TYR B 447 17.42 40.84 24.63
CA TYR B 447 17.70 41.68 23.47
C TYR B 447 17.29 43.10 23.84
N VAL B 448 18.27 43.96 24.11
CA VAL B 448 17.99 45.29 24.68
C VAL B 448 18.67 46.39 23.90
N LYS B 449 19.30 46.06 22.78
CA LYS B 449 20.05 47.08 22.07
C LYS B 449 19.27 47.71 20.93
N ALA B 450 18.18 47.08 20.48
CA ALA B 450 17.32 47.61 19.43
C ALA B 450 15.88 47.21 19.75
N PRO B 451 14.95 48.16 19.75
CA PRO B 451 13.55 47.82 20.04
C PRO B 451 12.94 47.09 18.85
N ASP B 452 11.81 46.44 19.12
CA ASP B 452 11.14 45.66 18.10
C ASP B 452 10.04 46.49 17.42
N THR B 453 9.24 45.81 16.59
CA THR B 453 8.11 46.42 15.90
C THR B 453 7.24 47.28 16.82
N HIS B 454 7.10 46.89 18.08
CA HIS B 454 6.18 47.56 18.99
C HIS B 454 6.91 48.43 20.00
N GLY B 455 8.17 48.74 19.74
CA GLY B 455 8.92 49.62 20.61
C GLY B 455 9.40 48.98 21.89
N ASN B 456 9.44 47.66 21.95
CA ASN B 456 9.73 46.88 23.15
C ASN B 456 11.07 46.18 23.05
N MET B 457 11.64 45.91 24.22
N MET B 457 11.64 45.91 24.22
CA MET B 457 12.81 45.04 24.32
CA MET B 457 12.80 45.04 24.36
C MET B 457 12.38 43.68 24.88
C MET B 457 12.35 43.66 24.82
N TRP B 458 13.30 42.72 24.83
CA TRP B 458 13.03 41.35 25.25
C TRP B 458 13.88 41.00 26.45
N VAL B 459 13.25 40.74 27.58
CA VAL B 459 13.97 40.40 28.81
C VAL B 459 13.28 39.18 29.41
N PRO B 460 13.79 37.96 29.16
CA PRO B 460 13.15 36.71 29.58
C PRO B 460 13.29 36.44 31.07
C10 OYH C . 3.96 -29.24 -21.49
C13 OYH C . 1.88 -30.51 -24.25
C15 OYH C . 0.44 -29.86 -22.43
C20 OYH C . 7.91 -28.77 -19.27
C21 OYH C . 9.18 -29.08 -18.81
C22 OYH C . 9.60 -28.62 -17.57
C24 OYH C . 11.72 -29.71 -17.84
C26 OYH C . 10.04 -29.86 -19.57
C28 OYH C . 6.00 -27.31 -19.37
C02 OYH C . -0.64 -26.62 -16.36
C04 OYH C . 0.39 -26.71 -17.47
C05 OYH C . 1.36 -27.70 -17.40
C06 OYH C . 2.31 -27.79 -18.41
C07 OYH C . 2.27 -26.90 -19.48
C09 OYH C . 4.14 -28.09 -20.73
C11 OYH C . 2.84 -29.60 -22.24
C12 OYH C . 2.99 -30.12 -23.52
C14 OYH C . 0.61 -30.37 -23.72
C16 OYH C . 1.56 -29.48 -21.70
C18 OYH C . 5.92 -29.29 -20.55
C19 OYH C . 7.22 -29.64 -20.11
C23 OYH C . 10.86 -28.94 -17.08
C25 OYH C . 11.31 -30.18 -19.09
C27 OYH C . 7.28 -27.59 -18.90
C30 OYH C . 1.29 -25.92 -19.54
C31 OYH C . 0.35 -25.82 -18.54
C32 OYH C . -0.70 -24.72 -18.66
N08 OYH C . 3.22 -26.98 -20.57
N17 OYH C . 5.07 -29.96 -21.35
N29 OYH C . 5.36 -28.17 -20.18
O01 OYH C . -1.11 -27.69 -15.89
O03 OYH C . -1.01 -25.51 -15.93
O33 OYH C . -1.91 -25.02 -18.75
O34 OYH C . -0.34 -23.51 -18.69
S1 MPO D . 6.08 -26.48 -14.82
O1 MPO D . 5.63 -25.55 -13.72
O2 MPO D . 7.57 -26.36 -15.09
O4 MPO D . 6.82 -32.74 -18.57
N1 MPO D . 6.28 -31.53 -16.05
C1 MPO D . 5.67 -28.19 -14.35
O3 MPO D . 5.45 -26.08 -16.14
C2 MPO D . 5.93 -29.15 -15.51
C3 MPO D . 6.07 -30.57 -14.97
C4 MPO D . 7.61 -31.47 -16.57
C5 MPO D . 7.86 -32.57 -17.61
C6 MPO D . 5.48 -32.62 -18.07
C7 MPO D . 5.27 -31.51 -17.03
C1 EDO E . 3.21 -17.42 -8.41
O1 EDO E . 3.77 -16.12 -8.58
C2 EDO E . 1.88 -17.33 -7.64
O2 EDO E . 0.91 -16.57 -8.38
C1 EDO F . -0.26 7.23 -13.12
O1 EDO F . -0.50 5.85 -13.42
C2 EDO F . -1.38 8.08 -13.71
O2 EDO F . -2.62 7.76 -13.05
C1 EDO G . -4.30 -1.29 -26.32
O1 EDO G . -4.74 -0.52 -27.44
C2 EDO G . -2.78 -1.32 -26.32
O2 EDO G . -2.35 -1.57 -27.67
C10 OYH H . 8.80 24.08 26.20
C13 OYH H . 7.04 26.97 27.65
C15 OYH H . 6.84 27.04 25.26
C20 OYH H . 11.89 20.77 26.43
C21 OYH H . 13.03 20.11 26.85
C22 OYH H . 13.61 19.12 26.07
C24 OYH H . 15.33 18.84 27.73
C26 OYH H . 13.61 20.46 28.06
C28 OYH H . 9.85 20.87 25.15
C02 OYH H . 7.41 24.03 18.98
C04 OYH H . 7.41 23.67 20.47
C05 OYH H . 8.60 23.76 21.17
C06 OYH H . 8.62 23.42 22.51
C07 OYH H . 7.44 23.02 23.13
C09 OYH H . 8.58 22.94 25.41
C11 OYH H . 8.04 25.24 26.30
C12 OYH H . 7.78 25.79 27.56
C14 OYH H . 6.57 27.58 26.51
C16 OYH H . 7.58 25.88 25.16
C18 OYH H . 10.42 22.67 26.50
C19 OYH H . 11.59 22.03 26.92
C23 OYH H . 14.76 18.49 26.51
C25 OYH H . 14.76 19.82 28.50
C27 OYH H . 10.99 20.18 25.52
C30 OYH H . 6.25 22.94 22.42
C31 OYH H . 6.24 23.26 21.09
C32 OYH H . 4.92 23.15 20.35
N08 OYH H . 7.44 22.68 24.55
N17 OYH H . 9.95 23.87 26.84
N29 OYH H . 9.60 22.10 25.64
O01 OYH H . 8.05 25.04 18.59
O03 OYH H . 6.75 23.33 18.19
O33 OYH H . 4.39 24.17 19.84
O34 OYH H . 4.32 22.04 20.30
S1 MPO I . 11.87 19.30 21.28
O1 MPO I . 10.54 19.67 21.90
O2 MPO I . 12.44 18.34 22.31
O4 MPO I . 14.31 24.15 26.29
N1 MPO I . 14.02 22.95 23.93
C1 MPO I . 12.94 20.74 21.10
O3 MPO I . 11.66 18.65 19.93
C2 MPO I . 12.88 21.49 22.44
C3 MPO I . 14.06 22.43 22.58
C4 MPO I . 13.69 24.33 23.95
C5 MPO I . 13.96 25.06 25.26
C6 MPO I . 15.44 23.37 25.93
C7 MPO I . 15.15 22.52 24.69
C1 EDO J . 8.00 12.95 12.69
O1 EDO J . 7.47 11.62 12.78
C2 EDO J . 7.75 13.55 11.30
O2 EDO J . 6.34 13.72 11.09
C1 EDO K . -11.86 -2.19 8.85
O1 EDO K . -11.38 -0.89 9.20
C2 EDO K . -13.34 -2.08 8.54
O2 EDO K . -13.52 -1.07 7.54
C1 EDO L . 8.78 30.78 -4.74
O1 EDO L . 9.98 30.94 -3.97
C2 EDO L . 7.72 30.16 -3.84
O2 EDO L . 8.28 29.05 -3.14
C1 EDO M . -8.17 -0.40 7.41
O1 EDO M . -9.06 -1.49 7.15
C2 EDO M . -8.05 -0.21 8.91
O2 EDO M . -7.22 -1.23 9.46
#